data_6ROL
#
_entry.id   6ROL
#
_cell.length_a   76.880
_cell.length_b   62.380
_cell.length_c   85.740
_cell.angle_alpha   90.00
_cell.angle_beta   91.32
_cell.angle_gamma   90.00
#
_symmetry.space_group_name_H-M   'P 1 21 1'
#
loop_
_entity.id
_entity.type
_entity.pdbx_description
1 polymer 'Insulin-like growth factor 2 mRNA-binding protein 2'
2 non-polymer GLYCEROL
3 non-polymer DI(HYDROXYETHYL)ETHER
4 non-polymer 'SULFATE ION'
5 water water
#
_entity_poly.entity_id   1
_entity_poly.type   'polypeptide(L)'
_entity_poly.pdbx_seq_one_letter_code
;GGSEQEIVNLFIPTQAVGAIIGKKGAHIKQLARFAGASIKIAPAEGPDVSERMVIITGPPEAQFKAQGRIFGKLKEENFF
NPKEEVKLEAHIRVPSSTAGRVIGKGGKTVNELQNLTSAEVIVPRDQTPDENEEVIVRIIGHFFASQTAQRKIREIVQQV
KQQEQK
;
_entity_poly.pdbx_strand_id   A,B,C,D
#
loop_
_chem_comp.id
_chem_comp.type
_chem_comp.name
_chem_comp.formula
GOL non-polymer GLYCEROL 'C3 H8 O3'
PEG non-polymer DI(HYDROXYETHYL)ETHER 'C4 H10 O3'
SO4 non-polymer 'SULFATE ION' 'O4 S -2'
#
# COMPACT_ATOMS: atom_id res chain seq x y z
N SER A 3 -6.72 -13.27 3.53
CA SER A 3 -5.88 -12.48 2.63
C SER A 3 -5.32 -11.25 3.34
N GLU A 4 -4.68 -11.47 4.49
CA GLU A 4 -4.07 -10.38 5.25
C GLU A 4 -2.67 -10.11 4.71
N GLN A 5 -2.06 -9.05 5.24
CA GLN A 5 -0.80 -8.52 4.77
C GLN A 5 0.35 -9.20 5.51
N GLU A 6 1.18 -9.94 4.79
CA GLU A 6 2.23 -10.71 5.42
C GLU A 6 3.58 -10.07 5.14
N ILE A 7 4.57 -10.47 5.94
CA ILE A 7 5.95 -10.06 5.75
C ILE A 7 6.76 -11.31 5.48
N VAL A 8 7.48 -11.31 4.36
CA VAL A 8 8.32 -12.44 3.97
C VAL A 8 9.72 -11.92 3.70
N ASN A 9 10.70 -12.56 4.31
CA ASN A 9 12.11 -12.25 4.07
C ASN A 9 12.62 -13.25 3.05
N LEU A 10 12.99 -12.77 1.87
CA LEU A 10 13.51 -13.60 0.79
C LEU A 10 14.98 -13.25 0.63
N PHE A 11 15.83 -14.26 0.73
CA PHE A 11 17.28 -14.09 0.67
C PHE A 11 17.77 -14.34 -0.75
N ILE A 12 18.61 -13.44 -1.24
CA ILE A 12 19.15 -13.54 -2.60
C ILE A 12 20.67 -13.45 -2.53
N PRO A 13 21.35 -13.94 -3.55
CA PRO A 13 22.81 -13.78 -3.59
C PRO A 13 23.18 -12.31 -3.59
N THR A 14 24.24 -11.98 -2.84
CA THR A 14 24.67 -10.59 -2.75
C THR A 14 25.01 -10.01 -4.11
N GLN A 15 25.57 -10.84 -5.00
CA GLN A 15 25.97 -10.37 -6.32
C GLN A 15 24.78 -9.95 -7.18
N ALA A 16 23.55 -10.32 -6.80
CA ALA A 16 22.38 -10.04 -7.60
C ALA A 16 21.64 -8.78 -7.17
N VAL A 17 22.11 -8.10 -6.12
CA VAL A 17 21.39 -6.92 -5.63
C VAL A 17 21.28 -5.86 -6.71
N GLY A 18 22.38 -5.61 -7.42
CA GLY A 18 22.36 -4.60 -8.46
C GLY A 18 21.33 -4.88 -9.55
N ALA A 19 21.20 -6.15 -9.94
CA ALA A 19 20.23 -6.51 -10.95
C ALA A 19 18.80 -6.38 -10.42
N ILE A 20 18.58 -6.81 -9.17
CA ILE A 20 17.24 -6.71 -8.60
C ILE A 20 16.83 -5.26 -8.45
N ILE A 21 17.75 -4.40 -8.00
CA ILE A 21 17.44 -2.98 -7.84
C ILE A 21 17.27 -2.32 -9.20
N GLY A 22 18.22 -2.51 -10.10
CA GLY A 22 18.18 -1.92 -11.42
C GLY A 22 18.73 -0.50 -11.44
N LYS A 23 18.98 -0.01 -12.64
CA LYS A 23 19.50 1.34 -12.81
C LYS A 23 18.50 2.34 -12.23
N LYS A 24 18.97 3.16 -11.29
CA LYS A 24 18.13 4.14 -10.62
C LYS A 24 16.95 3.49 -9.91
N GLY A 25 17.10 2.23 -9.51
CA GLY A 25 16.03 1.53 -8.84
C GLY A 25 14.80 1.29 -9.68
N ALA A 26 14.93 1.34 -11.01
CA ALA A 26 13.76 1.20 -11.86
C ALA A 26 13.15 -0.19 -11.79
N HIS A 27 13.97 -1.23 -11.63
CA HIS A 27 13.45 -2.59 -11.64
C HIS A 27 12.68 -2.90 -10.37
N ILE A 28 13.30 -2.66 -9.21
CA ILE A 28 12.61 -2.98 -7.95
C ILE A 28 11.37 -2.13 -7.79
N LYS A 29 11.38 -0.88 -8.28
CA LYS A 29 10.17 -0.08 -8.30
C LYS A 29 9.12 -0.71 -9.20
N GLN A 30 9.53 -1.22 -10.36
CA GLN A 30 8.62 -1.90 -11.26
C GLN A 30 7.99 -3.12 -10.59
N LEU A 31 8.81 -3.92 -9.90
CA LEU A 31 8.29 -5.10 -9.23
C LEU A 31 7.28 -4.72 -8.15
N ALA A 32 7.57 -3.65 -7.41
CA ALA A 32 6.66 -3.25 -6.34
C ALA A 32 5.30 -2.84 -6.91
N ARG A 33 5.29 -2.15 -8.05
CA ARG A 33 4.01 -1.77 -8.66
C ARG A 33 3.32 -2.97 -9.27
N PHE A 34 4.08 -3.83 -9.96
CA PHE A 34 3.51 -5.03 -10.57
C PHE A 34 2.88 -5.94 -9.52
N ALA A 35 3.59 -6.15 -8.41
CA ALA A 35 3.11 -7.08 -7.38
C ALA A 35 2.12 -6.45 -6.42
N GLY A 36 2.04 -5.12 -6.37
CA GLY A 36 1.24 -4.48 -5.35
C GLY A 36 1.75 -4.75 -3.95
N ALA A 37 3.08 -4.79 -3.79
CA ALA A 37 3.71 -5.06 -2.51
C ALA A 37 4.84 -4.08 -2.29
N SER A 38 5.21 -3.92 -1.02
CA SER A 38 6.42 -3.19 -0.67
C SER A 38 7.61 -4.14 -0.76
N ILE A 39 8.66 -3.71 -1.47
CA ILE A 39 9.84 -4.52 -1.68
C ILE A 39 11.06 -3.66 -1.35
N LYS A 40 11.70 -3.95 -0.23
CA LYS A 40 12.88 -3.22 0.20
C LYS A 40 14.02 -4.20 0.44
N ILE A 41 15.24 -3.73 0.18
CA ILE A 41 16.45 -4.51 0.42
C ILE A 41 16.99 -4.12 1.79
N ALA A 42 17.02 -5.07 2.71
CA ALA A 42 17.48 -4.78 4.05
C ALA A 42 18.98 -4.49 4.05
N PRO A 43 19.46 -3.66 4.97
CA PRO A 43 20.91 -3.39 5.02
C PRO A 43 21.71 -4.65 5.31
N ALA A 44 22.93 -4.67 4.81
CA ALA A 44 23.82 -5.82 4.97
C ALA A 44 24.32 -5.92 6.41
N GLU A 45 24.38 -7.15 6.93
CA GLU A 45 24.94 -7.36 8.26
C GLU A 45 26.42 -7.04 8.32
N GLY A 46 27.12 -7.11 7.18
CA GLY A 46 28.54 -6.87 7.14
C GLY A 46 29.04 -6.69 5.73
N PRO A 47 30.36 -6.50 5.57
CA PRO A 47 30.92 -6.26 4.23
C PRO A 47 31.15 -7.54 3.44
N ASP A 48 31.00 -8.72 4.06
CA ASP A 48 31.32 -9.98 3.38
C ASP A 48 30.25 -11.04 3.51
N VAL A 49 29.00 -10.66 3.79
CA VAL A 49 27.92 -11.63 3.85
C VAL A 49 27.65 -12.14 2.45
N SER A 50 27.33 -13.41 2.32
CA SER A 50 27.08 -14.02 1.01
C SER A 50 25.66 -13.81 0.52
N GLU A 51 24.73 -13.45 1.40
CA GLU A 51 23.32 -13.30 1.05
CA GLU A 51 23.32 -13.30 1.04
C GLU A 51 22.81 -11.95 1.53
N ARG A 52 21.83 -11.42 0.83
CA ARG A 52 21.13 -10.21 1.24
C ARG A 52 19.64 -10.54 1.35
N MET A 53 18.96 -9.80 2.21
CA MET A 53 17.57 -10.10 2.57
C MET A 53 16.65 -9.09 1.93
N VAL A 54 15.64 -9.59 1.21
CA VAL A 54 14.59 -8.77 0.63
C VAL A 54 13.35 -8.90 1.50
N ILE A 55 12.80 -7.77 1.92
CA ILE A 55 11.61 -7.74 2.76
C ILE A 55 10.42 -7.43 1.86
N ILE A 56 9.48 -8.36 1.79
CA ILE A 56 8.31 -8.26 0.91
C ILE A 56 7.09 -8.20 1.82
N THR A 57 6.31 -7.12 1.69
CA THR A 57 5.14 -6.89 2.52
C THR A 57 3.92 -6.79 1.63
N GLY A 58 2.93 -7.64 1.87
CA GLY A 58 1.72 -7.65 1.08
C GLY A 58 0.94 -8.94 1.25
N PRO A 59 -0.27 -8.97 0.71
CA PRO A 59 -1.12 -10.16 0.84
C PRO A 59 -0.59 -11.32 0.00
N PRO A 60 -1.19 -12.50 0.15
CA PRO A 60 -0.67 -13.67 -0.57
C PRO A 60 -0.55 -13.49 -2.08
N GLU A 61 -1.56 -12.89 -2.72
CA GLU A 61 -1.48 -12.69 -4.17
C GLU A 61 -0.32 -11.77 -4.54
N ALA A 62 -0.03 -10.78 -3.69
CA ALA A 62 1.11 -9.91 -3.95
C ALA A 62 2.42 -10.64 -3.71
N GLN A 63 2.48 -11.49 -2.68
CA GLN A 63 3.68 -12.27 -2.43
C GLN A 63 4.02 -13.16 -3.61
N PHE A 64 3.00 -13.77 -4.23
CA PHE A 64 3.23 -14.63 -5.39
C PHE A 64 3.91 -13.86 -6.51
N LYS A 65 3.44 -12.64 -6.77
CA LYS A 65 4.00 -11.84 -7.87
C LYS A 65 5.38 -11.32 -7.52
N ALA A 66 5.55 -10.80 -6.30
CA ALA A 66 6.83 -10.23 -5.91
C ALA A 66 7.92 -11.31 -5.86
N GLN A 67 7.65 -12.40 -5.14
CA GLN A 67 8.62 -13.48 -5.08
C GLN A 67 8.86 -14.08 -6.46
N GLY A 68 7.80 -14.26 -7.24
CA GLY A 68 7.95 -14.85 -8.55
C GLY A 68 8.81 -14.02 -9.48
N ARG A 69 8.60 -12.70 -9.49
CA ARG A 69 9.40 -11.85 -10.35
C ARG A 69 10.85 -11.81 -9.89
N ILE A 70 11.11 -11.98 -8.59
CA ILE A 70 12.48 -12.04 -8.11
C ILE A 70 13.13 -13.36 -8.52
N PHE A 71 12.42 -14.47 -8.31
CA PHE A 71 12.89 -15.75 -8.83
C PHE A 71 13.20 -15.65 -10.32
N GLY A 72 12.28 -15.09 -11.10
CA GLY A 72 12.47 -15.02 -12.53
C GLY A 72 13.64 -14.15 -12.93
N LYS A 73 13.83 -13.03 -12.24
CA LYS A 73 14.96 -12.16 -12.54
C LYS A 73 16.27 -12.87 -12.26
N LEU A 74 16.36 -13.57 -11.11
CA LEU A 74 17.57 -14.33 -10.80
C LEU A 74 17.85 -15.39 -11.86
N LYS A 75 16.80 -16.00 -12.42
CA LYS A 75 17.01 -16.98 -13.48
C LYS A 75 17.58 -16.31 -14.73
N GLU A 76 17.08 -15.13 -15.09
CA GLU A 76 17.64 -14.39 -16.21
C GLU A 76 19.11 -14.08 -15.97
N GLU A 77 19.50 -13.82 -14.73
CA GLU A 77 20.87 -13.46 -14.38
C GLU A 77 21.73 -14.68 -14.07
N ASN A 78 21.21 -15.89 -14.25
CA ASN A 78 21.97 -17.14 -14.16
C ASN A 78 22.50 -17.39 -12.75
N PHE A 79 21.67 -17.16 -11.74
CA PHE A 79 22.00 -17.52 -10.36
C PHE A 79 21.42 -18.86 -9.92
N PHE A 80 21.51 -19.88 -10.77
CA PHE A 80 21.13 -21.25 -10.41
C PHE A 80 22.31 -22.17 -10.64
N ASN A 81 22.20 -23.40 -10.16
CA ASN A 81 23.25 -24.38 -10.40
C ASN A 81 23.08 -24.94 -11.80
N PRO A 82 24.08 -25.65 -12.32
CA PRO A 82 23.93 -26.25 -13.66
C PRO A 82 22.80 -27.26 -13.67
N LYS A 83 21.97 -27.20 -14.71
CA LYS A 83 20.85 -28.11 -14.86
C LYS A 83 20.01 -28.11 -13.60
N GLU A 84 19.59 -26.92 -13.17
CA GLU A 84 18.83 -26.78 -11.94
C GLU A 84 18.07 -25.46 -12.00
N GLU A 85 17.12 -25.35 -11.08
CA GLU A 85 16.17 -24.25 -11.00
C GLU A 85 16.69 -23.30 -9.94
N VAL A 86 16.16 -22.08 -9.95
CA VAL A 86 16.56 -21.08 -8.95
C VAL A 86 15.97 -21.49 -7.61
N LYS A 87 16.83 -21.64 -6.61
CA LYS A 87 16.43 -22.09 -5.27
C LYS A 87 16.77 -21.02 -4.25
N LEU A 88 15.76 -20.55 -3.52
CA LEU A 88 15.94 -19.48 -2.55
C LEU A 88 15.36 -19.89 -1.20
N GLU A 89 15.94 -19.32 -0.14
CA GLU A 89 15.42 -19.47 1.20
C GLU A 89 14.56 -18.25 1.55
N ALA A 90 13.41 -18.52 2.16
CA ALA A 90 12.51 -17.48 2.64
C ALA A 90 12.20 -17.74 4.10
N HIS A 91 12.00 -16.67 4.86
CA HIS A 91 11.57 -16.74 6.25
C HIS A 91 10.17 -16.15 6.37
N ILE A 92 9.27 -16.92 6.99
CA ILE A 92 7.93 -16.46 7.32
C ILE A 92 7.77 -16.51 8.84
N ARG A 93 6.85 -15.70 9.35
CA ARG A 93 6.59 -15.61 10.78
C ARG A 93 5.26 -16.29 11.09
N VAL A 94 5.26 -17.16 12.09
CA VAL A 94 4.05 -17.86 12.54
C VAL A 94 3.97 -17.71 14.05
N PRO A 95 2.77 -17.75 14.63
CA PRO A 95 2.67 -17.68 16.09
C PRO A 95 3.49 -18.78 16.74
N SER A 96 4.16 -18.42 17.84
CA SER A 96 4.95 -19.41 18.57
C SER A 96 4.08 -20.59 18.99
N SER A 97 2.81 -20.34 19.28
CA SER A 97 1.91 -21.39 19.74
C SER A 97 1.47 -22.33 18.63
N THR A 98 1.72 -21.98 17.37
CA THR A 98 1.35 -22.84 16.24
CA THR A 98 1.35 -22.84 16.24
C THR A 98 2.54 -23.61 15.68
N ALA A 99 3.78 -23.25 16.05
CA ALA A 99 4.95 -23.89 15.47
C ALA A 99 4.94 -25.40 15.70
N GLY A 100 4.51 -25.84 16.88
CA GLY A 100 4.41 -27.27 17.15
C GLY A 100 3.42 -27.96 16.24
N ARG A 101 2.41 -27.24 15.77
CA ARG A 101 1.42 -27.79 14.84
C ARG A 101 1.98 -27.91 13.44
N VAL A 102 2.87 -26.98 13.04
CA VAL A 102 3.57 -27.12 11.76
C VAL A 102 4.45 -28.37 11.77
N ILE A 103 5.09 -28.63 12.90
CA ILE A 103 5.96 -29.81 13.03
C ILE A 103 5.13 -31.08 13.06
N GLY A 104 4.09 -31.10 13.89
CA GLY A 104 3.25 -32.27 14.04
C GLY A 104 3.86 -33.30 14.98
N LYS A 105 3.01 -34.22 15.43
CA LYS A 105 3.46 -35.25 16.36
C LYS A 105 4.55 -36.09 15.71
N GLY A 106 5.66 -36.26 16.42
CA GLY A 106 6.79 -36.98 15.88
C GLY A 106 7.43 -36.34 14.67
N GLY A 107 7.15 -35.05 14.43
CA GLY A 107 7.65 -34.38 13.24
C GLY A 107 7.01 -34.86 11.96
N LYS A 108 5.86 -35.53 12.05
CA LYS A 108 5.26 -36.15 10.87
C LYS A 108 4.63 -35.13 9.95
N THR A 109 4.07 -34.04 10.48
CA THR A 109 3.42 -33.06 9.61
C THR A 109 4.44 -32.34 8.73
N VAL A 110 5.54 -31.87 9.31
CA VAL A 110 6.56 -31.22 8.51
C VAL A 110 7.21 -32.21 7.55
N ASN A 111 7.28 -33.49 7.94
CA ASN A 111 7.89 -34.49 7.06
C ASN A 111 7.04 -34.74 5.83
N GLU A 112 5.71 -34.87 6.00
CA GLU A 112 4.84 -35.01 4.84
C GLU A 112 4.86 -33.74 3.99
N LEU A 113 4.88 -32.58 4.64
CA LEU A 113 4.86 -31.31 3.90
C LEU A 113 6.06 -31.20 2.96
N GLN A 114 7.24 -31.54 3.46
CA GLN A 114 8.44 -31.48 2.62
C GLN A 114 8.38 -32.52 1.50
N ASN A 115 7.77 -33.69 1.78
CA ASN A 115 7.67 -34.73 0.75
C ASN A 115 6.74 -34.28 -0.38
N LEU A 116 5.58 -33.70 -0.05
CA LEU A 116 4.64 -33.27 -1.09
C LEU A 116 5.14 -32.09 -1.90
N THR A 117 5.78 -31.12 -1.24
CA THR A 117 6.17 -29.91 -1.95
C THR A 117 7.57 -29.98 -2.54
N SER A 118 8.44 -30.84 -2.02
CA SER A 118 9.83 -30.89 -2.42
C SER A 118 10.61 -29.73 -1.84
N ALA A 119 9.96 -28.79 -1.17
CA ALA A 119 10.65 -27.75 -0.45
C ALA A 119 11.10 -28.26 0.91
N GLU A 120 12.21 -27.71 1.36
CA GLU A 120 12.75 -27.98 2.70
C GLU A 120 12.12 -26.98 3.66
N VAL A 121 11.49 -27.48 4.72
CA VAL A 121 10.79 -26.66 5.69
C VAL A 121 11.42 -26.93 7.05
N ILE A 122 11.97 -25.88 7.67
CA ILE A 122 12.72 -26.00 8.91
C ILE A 122 12.20 -24.96 9.89
N VAL A 123 11.86 -25.40 11.10
CA VAL A 123 11.52 -24.50 12.19
C VAL A 123 12.73 -24.43 13.12
N PRO A 124 13.58 -23.42 13.04
CA PRO A 124 14.80 -23.42 13.87
C PRO A 124 14.51 -23.62 15.34
N ARG A 125 15.41 -24.32 16.03
CA ARG A 125 15.22 -24.67 17.42
C ARG A 125 15.66 -23.54 18.35
N ASP A 126 15.16 -23.61 19.59
CA ASP A 126 15.56 -22.69 20.65
CA ASP A 126 15.56 -22.69 20.65
C ASP A 126 15.36 -21.23 20.25
N GLN A 127 14.31 -20.97 19.50
CA GLN A 127 14.02 -19.60 19.10
C GLN A 127 13.39 -18.82 20.24
N THR A 128 13.68 -17.52 20.28
CA THR A 128 13.00 -16.61 21.19
C THR A 128 11.89 -15.92 20.40
N PRO A 129 10.62 -16.14 20.72
CA PRO A 129 9.56 -15.43 19.99
C PRO A 129 9.79 -13.91 20.04
N ASP A 130 9.41 -13.24 18.97
CA ASP A 130 9.64 -11.80 18.86
C ASP A 130 8.54 -11.05 19.61
N GLU A 131 8.54 -9.72 19.50
CA GLU A 131 7.60 -8.90 20.25
C GLU A 131 6.15 -9.25 19.92
N ASN A 132 5.90 -9.91 18.79
CA ASN A 132 4.57 -10.40 18.45
C ASN A 132 4.39 -11.86 18.83
N GLU A 133 5.32 -12.43 19.60
CA GLU A 133 5.26 -13.83 19.99
C GLU A 133 5.23 -14.74 18.78
N GLU A 134 6.02 -14.38 17.76
CA GLU A 134 6.12 -15.14 16.52
C GLU A 134 7.54 -15.66 16.35
N VAL A 135 7.65 -16.81 15.71
CA VAL A 135 8.94 -17.44 15.42
C VAL A 135 9.06 -17.63 13.92
N ILE A 136 10.26 -18.02 13.49
CA ILE A 136 10.56 -18.14 12.07
C ILE A 136 10.33 -19.57 11.61
N VAL A 137 9.85 -19.71 10.38
CA VAL A 137 9.87 -20.95 9.64
C VAL A 137 10.70 -20.71 8.39
N ARG A 138 11.68 -21.57 8.15
CA ARG A 138 12.52 -21.48 6.96
C ARG A 138 11.95 -22.36 5.86
N ILE A 139 11.88 -21.82 4.65
CA ILE A 139 11.37 -22.53 3.49
C ILE A 139 12.36 -22.36 2.35
N ILE A 140 12.94 -23.47 1.89
CA ILE A 140 13.96 -23.45 0.85
C ILE A 140 13.49 -24.32 -0.31
N GLY A 141 13.54 -23.78 -1.52
CA GLY A 141 13.19 -24.55 -2.70
C GLY A 141 12.99 -23.66 -3.89
N HIS A 142 12.60 -24.29 -5.00
CA HIS A 142 12.26 -23.58 -6.22
CA HIS A 142 12.29 -23.53 -6.20
C HIS A 142 10.95 -22.80 -6.02
N PHE A 143 10.65 -21.92 -6.97
CA PHE A 143 9.54 -20.99 -6.81
C PHE A 143 8.24 -21.71 -6.45
N PHE A 144 7.79 -22.64 -7.30
CA PHE A 144 6.49 -23.26 -7.08
C PHE A 144 6.48 -24.09 -5.80
N ALA A 145 7.57 -24.79 -5.49
CA ALA A 145 7.65 -25.52 -4.23
C ALA A 145 7.54 -24.58 -3.05
N SER A 146 8.25 -23.45 -3.10
CA SER A 146 8.20 -22.49 -2.01
C SER A 146 6.80 -21.91 -1.85
N GLN A 147 6.13 -21.60 -2.97
CA GLN A 147 4.78 -21.04 -2.88
C GLN A 147 3.81 -22.03 -2.26
N THR A 148 3.90 -23.30 -2.66
CA THR A 148 3.01 -24.32 -2.11
C THR A 148 3.26 -24.51 -0.62
N ALA A 149 4.54 -24.62 -0.22
CA ALA A 149 4.87 -24.76 1.19
C ALA A 149 4.34 -23.57 1.99
N GLN A 150 4.60 -22.34 1.51
CA GLN A 150 4.07 -21.17 2.19
C GLN A 150 2.55 -21.24 2.29
N ARG A 151 1.88 -21.67 1.22
CA ARG A 151 0.43 -21.73 1.22
C ARG A 151 -0.09 -22.68 2.30
N LYS A 152 0.51 -23.87 2.40
CA LYS A 152 0.01 -24.84 3.37
C LYS A 152 0.36 -24.45 4.80
N ILE A 153 1.52 -23.84 5.01
CA ILE A 153 1.86 -23.37 6.35
C ILE A 153 0.88 -22.31 6.80
N ARG A 154 0.52 -21.40 5.90
CA ARG A 154 -0.48 -20.38 6.22
CA ARG A 154 -0.48 -20.38 6.22
C ARG A 154 -1.81 -21.04 6.59
N GLU A 155 -2.17 -22.13 5.89
CA GLU A 155 -3.41 -22.83 6.21
C GLU A 155 -3.37 -23.40 7.62
N ILE A 156 -2.31 -24.16 7.93
CA ILE A 156 -2.16 -24.71 9.27
C ILE A 156 -2.30 -23.63 10.31
N VAL A 157 -1.64 -22.48 10.09
CA VAL A 157 -1.73 -21.37 11.03
C VAL A 157 -3.17 -20.92 11.20
N GLN A 158 -3.92 -20.83 10.11
CA GLN A 158 -5.29 -20.33 10.19
C GLN A 158 -6.23 -21.38 10.79
N GLN A 159 -6.00 -22.66 10.49
CA GLN A 159 -6.81 -23.72 11.10
C GLN A 159 -6.68 -23.69 12.62
N VAL A 160 -5.46 -23.49 13.12
CA VAL A 160 -5.26 -23.44 14.57
C VAL A 160 -6.00 -22.25 15.17
N LYS A 161 -5.97 -21.10 14.49
CA LYS A 161 -6.70 -19.94 14.97
C LYS A 161 -8.20 -20.22 15.00
N GLN A 162 -8.76 -20.64 13.87
CA GLN A 162 -10.14 -21.13 13.80
C GLN A 162 -10.54 -21.83 15.09
N GLN A 163 -9.70 -22.76 15.57
CA GLN A 163 -9.97 -23.50 16.78
C GLN A 163 -9.77 -22.61 17.99
N GLU A 164 -10.87 -22.24 18.65
CA GLU A 164 -10.82 -21.34 19.80
C GLU A 164 -10.35 -19.95 19.37
N GLU B 4 -3.60 -3.52 -20.45
CA GLU B 4 -5.00 -3.65 -20.04
C GLU B 4 -5.53 -5.04 -20.33
N GLN B 5 -6.79 -5.28 -19.97
CA GLN B 5 -7.39 -6.60 -20.03
C GLN B 5 -7.09 -7.35 -21.31
N GLU B 6 -6.30 -8.41 -21.20
CA GLU B 6 -5.86 -9.22 -22.33
C GLU B 6 -6.48 -10.62 -22.24
N ILE B 7 -6.42 -11.34 -23.34
CA ILE B 7 -6.87 -12.73 -23.40
C ILE B 7 -5.67 -13.61 -23.78
N VAL B 8 -5.44 -14.66 -22.99
CA VAL B 8 -4.38 -15.63 -23.25
C VAL B 8 -5.00 -17.01 -23.25
N ASN B 9 -4.73 -17.78 -24.30
CA ASN B 9 -5.14 -19.17 -24.39
C ASN B 9 -3.96 -20.03 -23.97
N LEU B 10 -4.10 -20.74 -22.85
CA LEU B 10 -3.06 -21.59 -22.32
C LEU B 10 -3.48 -23.05 -22.47
N PHE B 11 -2.65 -23.86 -23.10
CA PHE B 11 -2.97 -25.25 -23.38
C PHE B 11 -2.37 -26.14 -22.29
N ILE B 12 -3.18 -27.05 -21.78
CA ILE B 12 -2.75 -27.98 -20.74
C ILE B 12 -3.02 -29.40 -21.22
N PRO B 13 -2.36 -30.39 -20.62
CA PRO B 13 -2.67 -31.79 -20.98
C PRO B 13 -4.12 -32.10 -20.68
N THR B 14 -4.75 -32.86 -21.58
CA THR B 14 -6.16 -33.20 -21.41
C THR B 14 -6.38 -33.92 -20.09
N GLN B 15 -5.43 -34.75 -19.67
CA GLN B 15 -5.55 -35.49 -18.43
C GLN B 15 -5.56 -34.60 -17.19
N ALA B 16 -5.18 -33.33 -17.31
CA ALA B 16 -5.07 -32.45 -16.16
C ALA B 16 -6.30 -31.57 -15.94
N VAL B 17 -7.32 -31.67 -16.79
CA VAL B 17 -8.48 -30.78 -16.67
C VAL B 17 -9.15 -30.97 -15.30
N GLY B 18 -9.33 -32.22 -14.88
CA GLY B 18 -9.99 -32.47 -13.61
C GLY B 18 -9.26 -31.84 -12.44
N ALA B 19 -7.93 -31.91 -12.44
CA ALA B 19 -7.16 -31.33 -11.35
C ALA B 19 -7.24 -29.80 -11.37
N ILE B 20 -7.19 -29.20 -12.57
CA ILE B 20 -7.26 -27.74 -12.66
C ILE B 20 -8.64 -27.25 -12.19
N ILE B 21 -9.70 -27.95 -12.60
CA ILE B 21 -11.04 -27.56 -12.16
C ILE B 21 -11.22 -27.85 -10.67
N GLY B 22 -10.86 -29.04 -10.24
CA GLY B 22 -10.99 -29.42 -8.85
C GLY B 22 -12.37 -29.96 -8.51
N LYS B 23 -12.44 -30.58 -7.33
CA LYS B 23 -13.70 -31.14 -6.86
C LYS B 23 -14.74 -30.04 -6.73
N LYS B 24 -15.88 -30.21 -7.39
CA LYS B 24 -16.94 -29.22 -7.37
C LYS B 24 -16.49 -27.88 -7.94
N GLY B 25 -15.47 -27.88 -8.79
CA GLY B 25 -14.94 -26.65 -9.35
C GLY B 25 -14.27 -25.74 -8.34
N ALA B 26 -13.87 -26.28 -7.19
CA ALA B 26 -13.32 -25.45 -6.12
C ALA B 26 -11.96 -24.86 -6.49
N HIS B 27 -11.15 -25.61 -7.25
CA HIS B 27 -9.79 -25.14 -7.53
C HIS B 27 -9.80 -23.98 -8.52
N ILE B 28 -10.48 -24.14 -9.65
CA ILE B 28 -10.49 -23.09 -10.65
C ILE B 28 -11.16 -21.83 -10.11
N LYS B 29 -12.15 -22.00 -9.22
CA LYS B 29 -12.74 -20.85 -8.54
C LYS B 29 -11.72 -20.16 -7.66
N GLN B 30 -10.90 -20.93 -6.95
CA GLN B 30 -9.85 -20.35 -6.12
C GLN B 30 -8.86 -19.56 -6.96
N LEU B 31 -8.42 -20.14 -8.09
CA LEU B 31 -7.46 -19.45 -8.94
C LEU B 31 -8.02 -18.15 -9.49
N ALA B 32 -9.27 -18.17 -9.95
CA ALA B 32 -9.87 -16.96 -10.51
C ALA B 32 -9.92 -15.83 -9.50
N ARG B 33 -10.26 -16.17 -8.25
CA ARG B 33 -10.31 -15.16 -7.21
C ARG B 33 -8.90 -14.73 -6.77
N PHE B 34 -7.97 -15.68 -6.68
CA PHE B 34 -6.59 -15.38 -6.34
C PHE B 34 -5.95 -14.46 -7.39
N ALA B 35 -6.14 -14.79 -8.67
CA ALA B 35 -5.50 -14.05 -9.74
C ALA B 35 -6.27 -12.78 -10.12
N GLY B 36 -7.53 -12.67 -9.73
CA GLY B 36 -8.35 -11.57 -10.20
C GLY B 36 -8.58 -11.64 -11.70
N ALA B 37 -8.73 -12.85 -12.23
CA ALA B 37 -8.91 -13.05 -13.65
C ALA B 37 -10.03 -14.04 -13.89
N SER B 38 -10.60 -13.98 -15.09
CA SER B 38 -11.54 -14.99 -15.55
C SER B 38 -10.75 -16.16 -16.13
N ILE B 39 -11.10 -17.37 -15.69
CA ILE B 39 -10.41 -18.58 -16.12
C ILE B 39 -11.48 -19.57 -16.56
N LYS B 40 -11.56 -19.83 -17.86
CA LYS B 40 -12.55 -20.73 -18.43
C LYS B 40 -11.84 -21.81 -19.24
N ILE B 41 -12.40 -23.01 -19.20
CA ILE B 41 -11.88 -24.14 -19.96
C ILE B 41 -12.70 -24.25 -21.24
N ALA B 42 -12.04 -24.07 -22.39
CA ALA B 42 -12.75 -24.12 -23.65
C ALA B 42 -13.19 -25.55 -23.97
N PRO B 43 -14.30 -25.73 -24.68
CA PRO B 43 -14.72 -27.08 -25.06
C PRO B 43 -13.68 -27.75 -25.96
N ALA B 44 -13.64 -29.08 -25.90
CA ALA B 44 -12.67 -29.83 -26.68
C ALA B 44 -13.05 -29.80 -28.17
N GLU B 45 -12.03 -29.58 -29.02
CA GLU B 45 -12.23 -29.61 -30.45
C GLU B 45 -12.52 -31.01 -30.99
N GLY B 46 -12.20 -32.06 -30.22
CA GLY B 46 -12.40 -33.41 -30.70
C GLY B 46 -12.41 -34.44 -29.58
N PRO B 47 -12.61 -35.72 -29.95
CA PRO B 47 -12.76 -36.76 -28.93
C PRO B 47 -11.46 -37.33 -28.41
N ASP B 48 -10.33 -37.07 -29.07
CA ASP B 48 -9.05 -37.66 -28.70
C ASP B 48 -7.95 -36.61 -28.64
N VAL B 49 -8.31 -35.35 -28.35
CA VAL B 49 -7.33 -34.29 -28.31
C VAL B 49 -6.35 -34.52 -27.16
N SER B 50 -5.08 -34.21 -27.40
CA SER B 50 -4.06 -34.39 -26.38
C SER B 50 -3.99 -33.22 -25.42
N GLU B 51 -4.37 -32.03 -25.86
CA GLU B 51 -4.38 -30.84 -25.03
C GLU B 51 -5.77 -30.23 -24.96
N ARG B 52 -6.01 -29.47 -23.90
CA ARG B 52 -7.22 -28.67 -23.74
C ARG B 52 -6.80 -27.22 -23.52
N MET B 53 -7.68 -26.30 -23.89
CA MET B 53 -7.35 -24.87 -23.92
C MET B 53 -8.02 -24.15 -22.76
N VAL B 54 -7.22 -23.43 -21.99
CA VAL B 54 -7.70 -22.59 -20.90
C VAL B 54 -7.69 -21.14 -21.35
N ILE B 55 -8.82 -20.47 -21.22
CA ILE B 55 -8.96 -19.07 -21.62
C ILE B 55 -8.85 -18.21 -20.38
N ILE B 56 -7.82 -17.36 -20.33
CA ILE B 56 -7.53 -16.52 -19.19
C ILE B 56 -7.69 -15.07 -19.62
N THR B 57 -8.56 -14.34 -18.93
CA THR B 57 -8.87 -12.95 -19.26
C THR B 57 -8.52 -12.07 -18.06
N GLY B 58 -7.66 -11.09 -18.27
CA GLY B 58 -7.25 -10.19 -17.22
C GLY B 58 -5.98 -9.44 -17.58
N PRO B 59 -5.62 -8.46 -16.77
CA PRO B 59 -4.41 -7.66 -17.05
C PRO B 59 -3.16 -8.47 -16.82
N PRO B 60 -1.98 -7.93 -17.16
CA PRO B 60 -0.74 -8.70 -17.02
C PRO B 60 -0.50 -9.26 -15.62
N GLU B 61 -0.71 -8.46 -14.57
CA GLU B 61 -0.48 -8.97 -13.22
C GLU B 61 -1.42 -10.13 -12.90
N ALA B 62 -2.65 -10.08 -13.42
CA ALA B 62 -3.57 -11.20 -13.23
C ALA B 62 -3.15 -12.40 -14.07
N GLN B 63 -2.65 -12.15 -15.29
CA GLN B 63 -2.16 -13.23 -16.13
C GLN B 63 -1.00 -13.96 -15.45
N PHE B 64 -0.11 -13.22 -14.80
CA PHE B 64 1.01 -13.85 -14.10
C PHE B 64 0.52 -14.81 -13.03
N LYS B 65 -0.48 -14.42 -12.26
CA LYS B 65 -0.95 -15.28 -11.17
C LYS B 65 -1.77 -16.45 -11.71
N ALA B 66 -2.65 -16.21 -12.67
CA ALA B 66 -3.48 -17.29 -13.19
C ALA B 66 -2.65 -18.34 -13.90
N GLN B 67 -1.81 -17.91 -14.86
CA GLN B 67 -0.93 -18.85 -15.55
C GLN B 67 0.03 -19.52 -14.57
N GLY B 68 0.58 -18.75 -13.63
CA GLY B 68 1.54 -19.32 -12.69
C GLY B 68 0.94 -20.41 -11.83
N ARG B 69 -0.26 -20.18 -11.30
CA ARG B 69 -0.91 -21.19 -10.47
C ARG B 69 -1.27 -22.42 -11.29
N ILE B 70 -1.52 -22.27 -12.58
CA ILE B 70 -1.78 -23.43 -13.44
C ILE B 70 -0.49 -24.20 -13.67
N PHE B 71 0.59 -23.50 -14.02
CA PHE B 71 1.90 -24.14 -14.10
C PHE B 71 2.22 -24.88 -12.81
N GLY B 72 2.02 -24.23 -11.67
CA GLY B 72 2.37 -24.84 -10.40
C GLY B 72 1.50 -26.05 -10.07
N LYS B 73 0.20 -25.97 -10.37
CA LYS B 73 -0.69 -27.09 -10.09
C LYS B 73 -0.29 -28.31 -10.90
N LEU B 74 0.03 -28.12 -12.18
CA LEU B 74 0.50 -29.23 -13.00
C LEU B 74 1.78 -29.82 -12.41
N LYS B 75 2.63 -28.99 -11.82
CA LYS B 75 3.84 -29.49 -11.17
C LYS B 75 3.50 -30.27 -9.91
N GLU B 76 2.59 -29.75 -9.08
CA GLU B 76 2.22 -30.44 -7.85
C GLU B 76 1.61 -31.81 -8.12
N GLU B 77 0.82 -31.93 -9.19
CA GLU B 77 0.11 -33.17 -9.47
C GLU B 77 0.89 -34.16 -10.32
N ASN B 78 2.15 -33.86 -10.64
CA ASN B 78 3.04 -34.83 -11.28
C ASN B 78 2.55 -35.23 -12.67
N PHE B 79 2.19 -34.22 -13.46
CA PHE B 79 1.87 -34.45 -14.87
C PHE B 79 3.11 -34.36 -15.75
N PHE B 80 4.20 -33.85 -15.19
CA PHE B 80 5.54 -33.81 -15.80
C PHE B 80 6.45 -34.64 -14.89
N ASN B 81 7.69 -34.84 -15.32
CA ASN B 81 8.58 -35.69 -14.54
C ASN B 81 9.01 -34.97 -13.27
N PRO B 82 9.71 -35.67 -12.36
CA PRO B 82 10.06 -35.05 -11.07
C PRO B 82 10.93 -33.81 -11.17
N LYS B 83 12.09 -33.92 -11.81
CA LYS B 83 12.98 -32.79 -12.01
C LYS B 83 12.70 -32.05 -13.32
N GLU B 84 11.54 -32.27 -13.92
CA GLU B 84 11.20 -31.69 -15.21
C GLU B 84 10.30 -30.49 -15.01
N GLU B 85 10.71 -29.34 -15.55
CA GLU B 85 9.92 -28.12 -15.43
C GLU B 85 8.67 -28.28 -16.29
N VAL B 86 7.63 -27.52 -15.95
CA VAL B 86 6.40 -27.55 -16.72
C VAL B 86 6.55 -26.65 -17.94
N LYS B 87 6.35 -27.23 -19.12
CA LYS B 87 6.48 -26.51 -20.39
C LYS B 87 5.11 -26.52 -21.08
N LEU B 88 4.56 -25.34 -21.34
CA LEU B 88 3.24 -25.18 -21.91
C LEU B 88 3.28 -24.24 -23.10
N GLU B 89 2.36 -24.45 -24.03
CA GLU B 89 2.17 -23.55 -25.16
C GLU B 89 1.02 -22.59 -24.86
N ALA B 90 1.23 -21.32 -25.17
CA ALA B 90 0.21 -20.30 -25.02
C ALA B 90 0.03 -19.55 -26.33
N HIS B 91 -1.20 -19.12 -26.60
CA HIS B 91 -1.53 -18.31 -27.76
C HIS B 91 -1.99 -16.93 -27.28
N ILE B 92 -1.38 -15.89 -27.85
CA ILE B 92 -1.82 -14.51 -27.64
C ILE B 92 -2.22 -13.94 -28.99
N ARG B 93 -3.09 -12.94 -28.95
CA ARG B 93 -3.57 -12.27 -30.16
C ARG B 93 -2.97 -10.88 -30.23
N VAL B 94 -2.42 -10.55 -31.40
CA VAL B 94 -1.82 -9.24 -31.63
C VAL B 94 -2.38 -8.64 -32.91
N PRO B 95 -2.41 -7.32 -33.06
CA PRO B 95 -2.90 -6.73 -34.32
C PRO B 95 -2.15 -7.28 -35.52
N SER B 96 -2.89 -7.54 -36.60
CA SER B 96 -2.29 -8.05 -37.81
C SER B 96 -1.20 -7.13 -38.35
N SER B 97 -1.36 -5.82 -38.17
CA SER B 97 -0.36 -4.88 -38.67
C SER B 97 0.89 -4.83 -37.80
N THR B 98 0.84 -5.42 -36.61
CA THR B 98 1.99 -5.47 -35.71
C THR B 98 2.70 -6.82 -35.74
N ALA B 99 2.09 -7.85 -36.33
CA ALA B 99 2.70 -9.17 -36.32
C ALA B 99 4.00 -9.19 -37.10
N GLY B 100 4.03 -8.51 -38.26
CA GLY B 100 5.26 -8.43 -39.02
C GLY B 100 6.37 -7.76 -38.22
N ARG B 101 6.00 -6.87 -37.30
CA ARG B 101 6.98 -6.23 -36.45
C ARG B 101 7.46 -7.15 -35.34
N VAL B 102 6.58 -8.03 -34.84
CA VAL B 102 7.01 -9.06 -33.90
C VAL B 102 7.99 -10.01 -34.56
N ILE B 103 7.76 -10.33 -35.84
CA ILE B 103 8.69 -11.17 -36.57
C ILE B 103 9.99 -10.41 -36.82
N GLY B 104 9.88 -9.17 -37.27
CA GLY B 104 11.03 -8.35 -37.57
C GLY B 104 11.60 -8.63 -38.95
N LYS B 105 12.40 -7.68 -39.42
CA LYS B 105 13.02 -7.81 -40.73
C LYS B 105 13.94 -9.03 -40.75
N GLY B 106 13.74 -9.88 -41.76
CA GLY B 106 14.48 -11.12 -41.86
C GLY B 106 14.22 -12.10 -40.75
N GLY B 107 13.15 -11.92 -39.99
CA GLY B 107 12.87 -12.77 -38.86
C GLY B 107 13.84 -12.64 -37.71
N LYS B 108 14.60 -11.54 -37.68
CA LYS B 108 15.65 -11.39 -36.67
C LYS B 108 15.08 -11.04 -35.30
N THR B 109 13.99 -10.27 -35.24
CA THR B 109 13.42 -9.89 -33.97
C THR B 109 12.84 -11.11 -33.25
N VAL B 110 12.14 -11.97 -34.00
CA VAL B 110 11.61 -13.20 -33.41
C VAL B 110 12.76 -14.09 -32.94
N ASN B 111 13.91 -14.03 -33.62
CA ASN B 111 15.05 -14.83 -33.20
C ASN B 111 15.66 -14.29 -31.91
N GLU B 112 15.74 -12.96 -31.78
CA GLU B 112 16.25 -12.37 -30.55
C GLU B 112 15.39 -12.79 -29.36
N LEU B 113 14.08 -12.70 -29.49
CA LEU B 113 13.17 -13.04 -28.40
C LEU B 113 13.44 -14.45 -27.86
N GLN B 114 13.60 -15.42 -28.77
CA GLN B 114 13.80 -16.80 -28.34
C GLN B 114 15.12 -16.96 -27.60
N ASN B 115 16.23 -16.67 -28.26
CA ASN B 115 17.53 -16.75 -27.59
C ASN B 115 17.59 -15.88 -26.35
N LEU B 116 16.71 -14.87 -26.25
CA LEU B 116 16.72 -13.98 -25.09
C LEU B 116 15.94 -14.58 -23.94
N THR B 117 14.77 -15.15 -24.20
CA THR B 117 13.89 -15.66 -23.16
C THR B 117 14.07 -17.15 -22.88
N SER B 118 14.61 -17.90 -23.82
CA SER B 118 14.67 -19.35 -23.83
C SER B 118 13.31 -19.95 -24.20
N ALA B 119 12.26 -19.15 -24.32
CA ALA B 119 11.00 -19.63 -24.88
C ALA B 119 11.05 -19.59 -26.40
N GLU B 120 10.34 -20.51 -27.03
CA GLU B 120 10.19 -20.53 -28.47
C GLU B 120 8.96 -19.69 -28.85
N VAL B 121 9.16 -18.72 -29.73
CA VAL B 121 8.11 -17.78 -30.14
C VAL B 121 7.92 -17.95 -31.64
N ILE B 122 6.71 -18.34 -32.03
CA ILE B 122 6.41 -18.65 -33.43
C ILE B 122 5.15 -17.89 -33.83
N VAL B 123 5.24 -17.17 -34.94
CA VAL B 123 4.08 -16.52 -35.54
C VAL B 123 3.66 -17.33 -36.77
N PRO B 124 2.62 -18.17 -36.68
CA PRO B 124 2.25 -19.00 -37.83
C PRO B 124 2.05 -18.15 -39.08
N ARG B 125 2.45 -18.69 -40.21
CA ARG B 125 2.42 -17.95 -41.46
C ARG B 125 1.04 -18.05 -42.11
N ASP B 126 0.76 -17.09 -43.00
CA ASP B 126 -0.46 -17.09 -43.80
C ASP B 126 -1.71 -17.20 -42.93
N GLN B 127 -1.79 -16.33 -41.93
CA GLN B 127 -2.95 -16.29 -41.05
C GLN B 127 -4.00 -15.34 -41.60
N THR B 128 -5.27 -15.66 -41.33
CA THR B 128 -6.37 -14.78 -41.62
C THR B 128 -6.74 -14.02 -40.36
N PRO B 129 -6.57 -12.69 -40.31
CA PRO B 129 -6.96 -11.96 -39.10
C PRO B 129 -8.40 -12.24 -38.71
N ASP B 130 -8.66 -12.24 -37.41
CA ASP B 130 -9.98 -12.54 -36.91
C ASP B 130 -10.86 -11.30 -36.99
N GLU B 131 -12.08 -11.37 -36.45
CA GLU B 131 -13.01 -10.26 -36.54
C GLU B 131 -12.44 -8.99 -35.92
N ASN B 132 -11.44 -9.10 -35.04
CA ASN B 132 -10.75 -7.97 -34.47
C ASN B 132 -9.47 -7.63 -35.22
N GLU B 133 -9.26 -8.24 -36.39
CA GLU B 133 -8.04 -8.00 -37.18
C GLU B 133 -6.78 -8.35 -36.39
N GLU B 134 -6.84 -9.44 -35.64
CA GLU B 134 -5.72 -9.91 -34.85
C GLU B 134 -5.30 -11.29 -35.32
N VAL B 135 -4.01 -11.58 -35.17
CA VAL B 135 -3.45 -12.88 -35.52
C VAL B 135 -2.82 -13.48 -34.25
N ILE B 136 -2.44 -14.75 -34.36
CA ILE B 136 -1.93 -15.51 -33.22
C ILE B 136 -0.41 -15.44 -33.17
N VAL B 137 0.12 -15.40 -31.96
CA VAL B 137 1.54 -15.67 -31.71
C VAL B 137 1.61 -16.84 -30.74
N ARG B 138 2.42 -17.84 -31.07
CA ARG B 138 2.62 -19.00 -30.22
C ARG B 138 3.83 -18.77 -29.32
N ILE B 139 3.68 -19.08 -28.04
CA ILE B 139 4.75 -18.94 -27.07
C ILE B 139 4.83 -20.26 -26.30
N ILE B 140 5.95 -20.97 -26.44
CA ILE B 140 6.13 -22.28 -25.83
C ILE B 140 7.36 -22.22 -24.94
N GLY B 141 7.21 -22.63 -23.69
CA GLY B 141 8.34 -22.69 -22.79
C GLY B 141 7.88 -22.82 -21.35
N HIS B 142 8.84 -22.66 -20.46
CA HIS B 142 8.56 -22.70 -19.03
C HIS B 142 7.95 -21.37 -18.57
N PHE B 143 7.45 -21.36 -17.33
CA PHE B 143 6.60 -20.28 -16.87
C PHE B 143 7.25 -18.90 -17.00
N PHE B 144 8.40 -18.67 -16.33
CA PHE B 144 8.96 -17.32 -16.35
C PHE B 144 9.38 -16.93 -17.77
N ALA B 145 9.89 -17.91 -18.54
CA ALA B 145 10.22 -17.64 -19.93
C ALA B 145 8.98 -17.22 -20.72
N SER B 146 7.86 -17.92 -20.50
CA SER B 146 6.63 -17.56 -21.18
C SER B 146 6.14 -16.19 -20.74
N GLN B 147 6.20 -15.90 -19.44
CA GLN B 147 5.76 -14.60 -18.95
C GLN B 147 6.61 -13.48 -19.53
N THR B 148 7.92 -13.69 -19.57
CA THR B 148 8.82 -12.68 -20.12
C THR B 148 8.58 -12.51 -21.62
N ALA B 149 8.46 -13.60 -22.36
CA ALA B 149 8.17 -13.52 -23.78
C ALA B 149 6.86 -12.78 -24.03
N GLN B 150 5.81 -13.15 -23.30
CA GLN B 150 4.54 -12.43 -23.40
C GLN B 150 4.74 -10.96 -23.07
N ARG B 151 5.52 -10.68 -22.02
CA ARG B 151 5.77 -9.30 -21.61
C ARG B 151 6.41 -8.52 -22.75
N LYS B 152 7.36 -9.14 -23.46
CA LYS B 152 8.09 -8.45 -24.52
C LYS B 152 7.21 -8.20 -25.73
N ILE B 153 6.37 -9.17 -26.07
CA ILE B 153 5.50 -9.03 -27.23
C ILE B 153 4.47 -7.92 -26.99
N ARG B 154 3.95 -7.82 -25.77
CA ARG B 154 2.96 -6.79 -25.49
C ARG B 154 3.54 -5.40 -25.68
N GLU B 155 4.81 -5.21 -25.30
CA GLU B 155 5.44 -3.91 -25.53
C GLU B 155 5.61 -3.63 -27.01
N ILE B 156 6.18 -4.59 -27.75
CA ILE B 156 6.30 -4.42 -29.20
C ILE B 156 4.96 -3.99 -29.79
N VAL B 157 3.88 -4.64 -29.36
CA VAL B 157 2.54 -4.25 -29.80
C VAL B 157 2.27 -2.80 -29.40
N GLN B 158 2.63 -2.42 -28.18
CA GLN B 158 2.33 -1.07 -27.71
C GLN B 158 3.28 -0.04 -28.33
N GLN B 159 4.54 -0.39 -28.56
CA GLN B 159 5.44 0.54 -29.24
C GLN B 159 4.87 0.90 -30.61
N VAL B 160 4.32 -0.08 -31.32
CA VAL B 160 3.75 0.15 -32.63
C VAL B 160 2.58 1.14 -32.53
N LYS B 161 1.77 1.01 -31.48
CA LYS B 161 0.66 1.94 -31.27
C LYS B 161 1.15 3.37 -31.04
N GLN B 162 2.46 3.57 -31.07
CA GLN B 162 3.05 4.90 -31.02
C GLN B 162 3.12 5.55 -32.40
N GLN B 163 2.42 4.97 -33.38
CA GLN B 163 2.31 5.55 -34.71
C GLN B 163 1.18 6.56 -34.82
N GLU B 164 0.64 7.02 -33.70
CA GLU B 164 -0.44 7.99 -33.69
C GLU B 164 0.11 9.41 -33.75
N GLU C 4 -14.44 23.71 25.25
CA GLU C 4 -14.06 24.98 25.88
C GLU C 4 -12.59 25.27 25.62
N GLN C 5 -12.12 26.39 26.14
CA GLN C 5 -10.81 26.93 25.78
C GLN C 5 -9.71 26.30 26.63
N GLU C 6 -8.86 25.51 25.99
CA GLU C 6 -7.78 24.80 26.64
C GLU C 6 -6.44 25.39 26.18
N ILE C 7 -5.38 25.07 26.93
CA ILE C 7 -4.03 25.51 26.61
C ILE C 7 -3.17 24.29 26.32
N VAL C 8 -2.49 24.30 25.18
CA VAL C 8 -1.59 23.23 24.78
C VAL C 8 -0.23 23.83 24.49
N ASN C 9 0.80 23.23 25.07
CA ASN C 9 2.19 23.59 24.78
C ASN C 9 2.73 22.59 23.77
N LEU C 10 3.07 23.07 22.58
CA LEU C 10 3.61 22.24 21.51
C LEU C 10 5.06 22.63 21.27
N PHE C 11 5.96 21.65 21.35
CA PHE C 11 7.39 21.90 21.22
C PHE C 11 7.85 21.64 19.80
N ILE C 12 8.61 22.58 19.25
CA ILE C 12 9.10 22.50 17.88
C ILE C 12 10.62 22.66 17.89
N PRO C 13 11.29 22.23 16.83
CA PRO C 13 12.73 22.51 16.72
C PRO C 13 12.99 24.01 16.70
N THR C 14 14.05 24.43 17.40
CA THR C 14 14.37 25.85 17.48
C THR C 14 14.60 26.44 16.10
N GLN C 15 15.19 25.67 15.18
CA GLN C 15 15.50 26.16 13.85
C GLN C 15 14.25 26.46 13.03
N ALA C 16 13.08 26.00 13.46
CA ALA C 16 11.84 26.18 12.69
C ALA C 16 11.03 27.40 13.14
N VAL C 17 11.49 28.10 14.18
CA VAL C 17 10.73 29.24 14.70
C VAL C 17 10.55 30.29 13.62
N GLY C 18 11.62 30.60 12.89
CA GLY C 18 11.52 31.61 11.85
C GLY C 18 10.47 31.28 10.81
N ALA C 19 10.41 30.01 10.40
CA ALA C 19 9.41 29.60 9.42
C ALA C 19 8.01 29.65 10.00
N ILE C 20 7.84 29.22 11.25
CA ILE C 20 6.52 29.24 11.87
C ILE C 20 6.03 30.67 12.01
N ILE C 21 6.91 31.59 12.43
CA ILE C 21 6.52 32.99 12.56
C ILE C 21 6.30 33.61 11.19
N GLY C 22 7.26 33.44 10.29
CA GLY C 22 7.19 34.01 8.97
C GLY C 22 7.69 35.45 8.92
N LYS C 23 7.94 35.90 7.70
CA LYS C 23 8.41 37.27 7.50
C LYS C 23 7.39 38.25 8.05
N LYS C 24 7.83 39.11 8.96
CA LYS C 24 6.96 40.10 9.58
C LYS C 24 5.80 39.46 10.34
N GLY C 25 5.99 38.23 10.81
CA GLY C 25 4.96 37.53 11.54
C GLY C 25 3.72 37.19 10.75
N ALA C 26 3.81 37.20 9.42
CA ALA C 26 2.63 36.99 8.58
C ALA C 26 2.10 35.56 8.69
N HIS C 27 2.99 34.57 8.85
CA HIS C 27 2.53 33.19 8.87
C HIS C 27 1.80 32.86 10.16
N ILE C 28 2.41 33.15 11.31
CA ILE C 28 1.77 32.82 12.58
C ILE C 28 0.48 33.60 12.75
N LYS C 29 0.42 34.83 12.22
CA LYS C 29 -0.84 35.57 12.21
C LYS C 29 -1.88 34.86 11.34
N GLN C 30 -1.45 34.35 10.18
CA GLN C 30 -2.35 33.58 9.33
C GLN C 30 -2.87 32.35 10.05
N LEU C 31 -1.99 31.62 10.75
CA LEU C 31 -2.42 30.43 11.46
C LEU C 31 -3.42 30.77 12.56
N ALA C 32 -3.17 31.84 13.31
CA ALA C 32 -4.07 32.20 14.40
C ALA C 32 -5.45 32.54 13.89
N ARG C 33 -5.54 33.25 12.75
CA ARG C 33 -6.84 33.55 12.19
C ARG C 33 -7.48 32.31 11.56
N PHE C 34 -6.66 31.49 10.89
CA PHE C 34 -7.18 30.26 10.29
C PHE C 34 -7.76 29.34 11.35
N ALA C 35 -7.04 29.16 12.46
CA ALA C 35 -7.45 28.20 13.48
C ALA C 35 -8.47 28.75 14.46
N GLY C 36 -8.63 30.07 14.52
CA GLY C 36 -9.46 30.65 15.57
C GLY C 36 -8.88 30.42 16.94
N ALA C 37 -7.56 30.45 17.06
CA ALA C 37 -6.87 30.20 18.32
C ALA C 37 -5.78 31.25 18.50
N SER C 38 -5.39 31.44 19.75
CA SER C 38 -4.21 32.24 20.05
C SER C 38 -2.98 31.33 19.92
N ILE C 39 -1.97 31.79 19.20
CA ILE C 39 -0.76 31.03 18.94
C ILE C 39 0.42 31.94 19.28
N LYS C 40 1.11 31.63 20.36
CA LYS C 40 2.24 32.42 20.82
C LYS C 40 3.46 31.52 20.99
N ILE C 41 4.63 32.04 20.67
CA ILE C 41 5.88 31.32 20.91
C ILE C 41 6.47 31.83 22.21
N ALA C 42 6.59 30.95 23.20
CA ALA C 42 7.09 31.33 24.50
C ALA C 42 8.59 31.66 24.41
N PRO C 43 9.06 32.55 25.28
CA PRO C 43 10.50 32.85 25.29
C PRO C 43 11.29 31.59 25.59
N ALA C 44 12.52 31.55 25.11
CA ALA C 44 13.35 30.36 25.26
C ALA C 44 13.69 30.15 26.74
N GLU C 45 13.61 28.90 27.18
CA GLU C 45 14.02 28.55 28.54
C GLU C 45 15.51 28.76 28.74
N GLY C 46 16.29 28.80 27.66
CA GLY C 46 17.71 29.02 27.74
C GLY C 46 18.27 29.38 26.38
N PRO C 47 19.57 29.67 26.32
CA PRO C 47 20.17 30.11 25.06
C PRO C 47 20.57 28.98 24.12
N ASP C 48 20.57 27.73 24.57
CA ASP C 48 21.04 26.62 23.75
C ASP C 48 20.07 25.45 23.74
N VAL C 49 18.78 25.73 23.99
CA VAL C 49 17.77 24.68 23.93
C VAL C 49 17.55 24.25 22.49
N SER C 50 17.32 22.95 22.30
CA SER C 50 17.09 22.44 20.95
C SER C 50 15.65 22.59 20.49
N GLU C 51 14.73 22.85 21.41
CA GLU C 51 13.32 23.04 21.06
C GLU C 51 12.82 24.35 21.65
N ARG C 52 11.76 24.86 21.04
CA ARG C 52 11.03 26.03 21.51
C ARG C 52 9.57 25.64 21.68
N MET C 53 8.88 26.36 22.57
CA MET C 53 7.54 26.01 22.97
C MET C 53 6.52 26.97 22.37
N VAL C 54 5.51 26.42 21.70
CA VAL C 54 4.39 27.18 21.17
C VAL C 54 3.20 26.99 22.09
N ILE C 55 2.60 28.10 22.51
CA ILE C 55 1.44 28.08 23.39
C ILE C 55 0.19 28.30 22.54
N ILE C 56 -0.70 27.31 22.52
CA ILE C 56 -1.90 27.34 21.69
C ILE C 56 -3.10 27.35 22.62
N THR C 57 -3.94 28.38 22.50
CA THR C 57 -5.11 28.56 23.34
C THR C 57 -6.36 28.58 22.48
N GLY C 58 -7.29 27.67 22.75
CA GLY C 58 -8.52 27.59 22.00
C GLY C 58 -9.21 26.26 22.22
N PRO C 59 -10.45 26.15 21.74
CA PRO C 59 -11.21 24.90 21.92
C PRO C 59 -10.67 23.79 21.05
N PRO C 60 -11.18 22.55 21.22
CA PRO C 60 -10.62 21.42 20.47
C PRO C 60 -10.61 21.61 18.96
N GLU C 61 -11.67 22.17 18.37
CA GLU C 61 -11.66 22.36 16.92
C GLU C 61 -10.56 23.30 16.50
N ALA C 62 -10.28 24.32 17.32
CA ALA C 62 -9.19 25.24 17.03
C ALA C 62 -7.83 24.56 17.25
N GLN C 63 -7.73 23.74 18.30
CA GLN C 63 -6.48 23.02 18.54
C GLN C 63 -6.13 22.12 17.37
N PHE C 64 -7.13 21.45 16.79
CA PHE C 64 -6.89 20.60 15.63
C PHE C 64 -6.28 21.40 14.48
N LYS C 65 -6.81 22.60 14.22
CA LYS C 65 -6.31 23.41 13.11
C LYS C 65 -4.95 24.01 13.43
N ALA C 66 -4.78 24.55 14.64
CA ALA C 66 -3.52 25.18 15.01
C ALA C 66 -2.38 24.16 15.03
N GLN C 67 -2.57 23.07 15.77
CA GLN C 67 -1.54 22.03 15.82
C GLN C 67 -1.32 21.43 14.44
N GLY C 68 -2.39 21.21 13.68
CA GLY C 68 -2.24 20.62 12.37
C GLY C 68 -1.44 21.48 11.42
N ARG C 69 -1.73 22.78 11.38
CA ARG C 69 -0.99 23.66 10.48
C ARG C 69 0.47 23.79 10.88
N ILE C 70 0.78 23.64 12.17
CA ILE C 70 2.17 23.65 12.60
C ILE C 70 2.86 22.36 12.17
N PHE C 71 2.22 21.22 12.43
CA PHE C 71 2.71 19.94 11.89
C PHE C 71 2.94 20.05 10.39
N GLY C 72 1.94 20.57 9.66
CA GLY C 72 2.06 20.65 8.21
C GLY C 72 3.15 21.60 7.76
N LYS C 73 3.30 22.73 8.45
CA LYS C 73 4.36 23.68 8.08
C LYS C 73 5.74 23.05 8.28
N LEU C 74 5.93 22.34 9.40
CA LEU C 74 7.20 21.64 9.61
C LEU C 74 7.46 20.64 8.49
N LYS C 75 6.40 20.00 7.98
CA LYS C 75 6.56 19.07 6.88
C LYS C 75 6.95 19.80 5.60
N GLU C 76 6.30 20.92 5.30
CA GLU C 76 6.66 21.68 4.10
C GLU C 76 8.11 22.14 4.15
N GLU C 77 8.61 22.48 5.34
CA GLU C 77 9.98 22.98 5.51
C GLU C 77 10.98 21.86 5.75
N ASN C 78 10.54 20.60 5.67
CA ASN C 78 11.42 19.43 5.73
C ASN C 78 12.12 19.28 7.08
N PHE C 79 11.36 19.50 8.15
CA PHE C 79 11.83 19.20 9.50
C PHE C 79 11.35 17.79 9.87
N PHE C 80 12.02 16.80 9.28
CA PHE C 80 11.67 15.41 9.54
C PHE C 80 12.79 14.70 10.30
N ASN C 81 12.43 13.59 10.92
CA ASN C 81 13.36 12.72 11.63
C ASN C 81 13.91 11.66 10.69
N PRO C 82 14.86 10.83 11.14
CA PRO C 82 15.39 9.78 10.25
C PRO C 82 14.32 8.80 9.79
N LYS C 83 13.21 8.66 10.51
CA LYS C 83 12.10 7.82 10.06
C LYS C 83 11.20 8.53 9.06
N GLU C 84 11.56 9.76 8.65
CA GLU C 84 10.81 10.53 7.67
C GLU C 84 9.43 10.95 8.17
N GLU C 85 9.35 11.35 9.44
CA GLU C 85 8.10 11.80 10.02
C GLU C 85 8.34 13.02 10.91
N VAL C 86 7.27 13.81 11.06
CA VAL C 86 7.26 14.91 12.01
C VAL C 86 6.63 14.37 13.29
N LYS C 87 7.42 14.31 14.35
CA LYS C 87 6.95 13.83 15.65
C LYS C 87 7.19 14.92 16.68
N LEU C 88 6.13 15.35 17.35
CA LEU C 88 6.23 16.47 18.27
C LEU C 88 5.68 16.06 19.63
N GLU C 89 6.24 16.68 20.66
CA GLU C 89 5.78 16.51 22.03
C GLU C 89 4.84 17.67 22.37
N ALA C 90 3.72 17.34 23.00
CA ALA C 90 2.78 18.33 23.48
C ALA C 90 2.51 18.08 24.95
N HIS C 91 2.27 19.16 25.67
CA HIS C 91 1.87 19.11 27.08
C HIS C 91 0.44 19.63 27.18
N ILE C 92 -0.43 18.85 27.80
CA ILE C 92 -1.78 19.28 28.11
C ILE C 92 -1.93 19.28 29.62
N ARG C 93 -2.87 20.09 30.10
CA ARG C 93 -3.14 20.22 31.53
C ARG C 93 -4.45 19.53 31.86
N VAL C 94 -4.43 18.70 32.90
CA VAL C 94 -5.63 18.00 33.36
C VAL C 94 -5.75 18.22 34.86
N PRO C 95 -6.95 18.20 35.43
CA PRO C 95 -7.06 18.34 36.89
C PRO C 95 -6.24 17.27 37.60
N SER C 96 -5.56 17.68 38.66
CA SER C 96 -4.76 16.73 39.43
C SER C 96 -5.62 15.58 39.95
N SER C 97 -6.89 15.85 40.24
CA SER C 97 -7.79 14.83 40.77
C SER C 97 -8.24 13.82 39.72
N THR C 98 -8.03 14.11 38.44
CA THR C 98 -8.35 13.16 37.37
C THR C 98 -7.12 12.43 36.85
N ALA C 99 -5.91 12.90 37.20
CA ALA C 99 -4.69 12.28 36.69
C ALA C 99 -4.64 10.80 37.01
N GLY C 100 -5.11 10.40 38.20
CA GLY C 100 -5.12 9.00 38.54
C GLY C 100 -5.96 8.15 37.60
N ARG C 101 -7.00 8.73 37.02
CA ARG C 101 -7.82 7.99 36.07
C ARG C 101 -7.17 7.90 34.69
N VAL C 102 -6.40 8.92 34.29
CA VAL C 102 -5.65 8.82 33.05
C VAL C 102 -4.63 7.70 33.14
N ILE C 103 -3.98 7.56 34.30
CA ILE C 103 -3.03 6.45 34.49
C ILE C 103 -3.78 5.13 34.57
N GLY C 104 -4.83 5.07 35.40
CA GLY C 104 -5.61 3.86 35.53
C GLY C 104 -4.99 2.86 36.48
N LYS C 105 -5.80 1.86 36.85
CA LYS C 105 -5.33 0.81 37.75
C LYS C 105 -4.14 0.10 37.13
N GLY C 106 -3.05 -0.01 37.90
CA GLY C 106 -1.85 -0.65 37.41
C GLY C 106 -1.22 0.04 36.22
N GLY C 107 -1.57 1.29 35.96
CA GLY C 107 -1.07 1.98 34.79
C GLY C 107 -1.62 1.44 33.48
N LYS C 108 -2.73 0.71 33.53
CA LYS C 108 -3.25 0.05 32.34
C LYS C 108 -3.94 1.03 31.38
N THR C 109 -4.57 2.08 31.91
CA THR C 109 -5.25 3.03 31.05
C THR C 109 -4.27 3.84 30.21
N VAL C 110 -3.20 4.36 30.82
CA VAL C 110 -2.21 5.11 30.06
C VAL C 110 -1.53 4.21 29.04
N ASN C 111 -1.33 2.93 29.36
CA ASN C 111 -0.71 2.02 28.42
C ASN C 111 -1.67 1.66 27.29
N GLU C 112 -2.96 1.49 27.61
CA GLU C 112 -3.96 1.25 26.57
CA GLU C 112 -3.94 1.25 26.57
C GLU C 112 -4.05 2.44 25.63
N LEU C 113 -3.92 3.66 26.16
CA LEU C 113 -3.95 4.84 25.31
C LEU C 113 -2.82 4.80 24.28
N GLN C 114 -1.61 4.45 24.73
CA GLN C 114 -0.48 4.39 23.81
C GLN C 114 -0.68 3.30 22.76
N ASN C 115 -1.09 2.12 23.20
CA ASN C 115 -1.29 1.01 22.25
CA ASN C 115 -1.29 1.01 22.25
C ASN C 115 -2.38 1.35 21.23
N LEU C 116 -3.39 2.10 21.63
CA LEU C 116 -4.51 2.39 20.73
C LEU C 116 -4.15 3.52 19.75
N THR C 117 -3.46 4.56 20.22
CA THR C 117 -3.18 5.73 19.41
C THR C 117 -1.85 5.68 18.69
N SER C 118 -0.91 4.87 19.16
CA SER C 118 0.48 4.81 18.68
C SER C 118 1.29 6.02 19.16
N ALA C 119 0.66 6.98 19.83
CA ALA C 119 1.39 8.07 20.48
C ALA C 119 1.93 7.61 21.82
N GLU C 120 3.04 8.23 22.22
CA GLU C 120 3.59 7.99 23.55
C GLU C 120 2.91 8.95 24.51
N VAL C 121 2.31 8.40 25.57
CA VAL C 121 1.54 9.16 26.54
C VAL C 121 2.16 8.92 27.91
N ILE C 122 2.64 10.00 28.54
CA ILE C 122 3.37 9.91 29.80
C ILE C 122 2.79 10.90 30.79
N VAL C 123 2.48 10.42 31.99
CA VAL C 123 2.07 11.28 33.10
C VAL C 123 3.27 11.41 34.03
N PRO C 124 4.02 12.52 33.98
CA PRO C 124 5.21 12.64 34.83
C PRO C 124 4.88 12.40 36.30
N ARG C 125 5.80 11.76 37.00
CA ARG C 125 5.56 11.35 38.38
C ARG C 125 5.82 12.49 39.35
N ASP C 126 5.18 12.41 40.51
CA ASP C 126 5.41 13.32 41.63
C ASP C 126 5.38 14.78 41.19
N GLN C 127 4.32 15.12 40.46
CA GLN C 127 4.11 16.50 40.05
C GLN C 127 3.48 17.31 41.18
N THR C 128 3.79 18.60 41.21
CA THR C 128 3.11 19.53 42.10
C THR C 128 2.01 20.23 41.31
N PRO C 129 0.73 20.02 41.63
CA PRO C 129 -0.32 20.74 40.90
C PRO C 129 -0.09 22.24 40.93
N ASP C 130 -0.48 22.90 39.83
CA ASP C 130 -0.25 24.33 39.69
C ASP C 130 -1.36 25.11 40.41
N GLU C 131 -1.35 26.44 40.23
CA GLU C 131 -2.32 27.30 40.92
C GLU C 131 -3.75 26.97 40.55
N ASN C 132 -3.97 26.30 39.41
CA ASN C 132 -5.28 25.82 39.02
C ASN C 132 -5.50 24.37 39.41
N GLU C 133 -4.59 23.81 40.22
CA GLU C 133 -4.66 22.42 40.65
C GLU C 133 -4.65 21.46 39.45
N GLU C 134 -3.82 21.79 38.45
CA GLU C 134 -3.69 20.97 37.26
C GLU C 134 -2.26 20.45 37.14
N VAL C 135 -2.13 19.27 36.53
CA VAL C 135 -0.84 18.66 36.23
C VAL C 135 -0.77 18.41 34.73
N ILE C 136 0.43 18.08 34.25
CA ILE C 136 0.65 17.92 32.81
C ILE C 136 0.57 16.45 32.44
N VAL C 137 0.09 16.21 31.22
CA VAL C 137 0.24 14.92 30.55
C VAL C 137 1.05 15.16 29.28
N ARG C 138 2.08 14.34 29.07
CA ARG C 138 2.92 14.46 27.89
C ARG C 138 2.37 13.55 26.79
N ILE C 139 2.29 14.09 25.58
CA ILE C 139 1.82 13.35 24.41
C ILE C 139 2.83 13.57 23.31
N ILE C 140 3.46 12.50 22.85
CA ILE C 140 4.50 12.56 21.83
C ILE C 140 4.07 11.65 20.68
N GLY C 141 4.08 12.18 19.46
CA GLY C 141 3.74 11.37 18.31
C GLY C 141 3.45 12.23 17.10
N HIS C 142 2.98 11.55 16.05
CA HIS C 142 2.57 12.22 14.83
C HIS C 142 1.23 12.92 15.04
N PHE C 143 0.84 13.74 14.06
CA PHE C 143 -0.32 14.60 14.23
C PHE C 143 -1.56 13.80 14.62
N PHE C 144 -1.98 12.85 13.77
CA PHE C 144 -3.21 12.12 14.02
C PHE C 144 -3.11 11.27 15.29
N ALA C 145 -1.95 10.67 15.53
CA ALA C 145 -1.77 9.94 16.78
C ALA C 145 -1.92 10.87 17.98
N SER C 146 -1.31 12.05 17.90
CA SER C 146 -1.41 13.01 18.99
C SER C 146 -2.84 13.50 19.17
N GLN C 147 -3.55 13.77 18.07
CA GLN C 147 -4.92 14.25 18.17
C GLN C 147 -5.83 13.21 18.83
N THR C 148 -5.67 11.94 18.47
CA THR C 148 -6.49 10.90 19.07
C THR C 148 -6.21 10.78 20.56
N ALA C 149 -4.93 10.76 20.94
CA ALA C 149 -4.59 10.71 22.36
C ALA C 149 -5.17 11.89 23.12
N GLN C 150 -5.00 13.10 22.58
CA GLN C 150 -5.59 14.27 23.22
C GLN C 150 -7.10 14.12 23.34
N ARG C 151 -7.75 13.65 22.27
CA ARG C 151 -9.20 13.51 22.29
C ARG C 151 -9.66 12.55 23.39
N LYS C 152 -8.97 11.42 23.53
CA LYS C 152 -9.41 10.43 24.50
C LYS C 152 -9.11 10.90 25.93
N ILE C 153 -8.00 11.60 26.14
CA ILE C 153 -7.72 12.12 27.47
C ILE C 153 -8.77 13.14 27.88
N ARG C 154 -9.18 14.02 26.96
CA ARG C 154 -10.24 14.97 27.27
C ARG C 154 -11.53 14.24 27.64
N GLU C 155 -11.80 13.11 27.00
CA GLU C 155 -12.98 12.33 27.34
C GLU C 155 -12.90 11.81 28.78
N ILE C 156 -11.78 11.17 29.12
CA ILE C 156 -11.58 10.70 30.50
C ILE C 156 -11.80 11.85 31.48
N VAL C 157 -11.21 13.01 31.19
CA VAL C 157 -11.38 14.15 32.07
C VAL C 157 -12.85 14.53 32.20
N GLN C 158 -13.58 14.55 31.08
CA GLN C 158 -14.97 14.96 31.13
C GLN C 158 -15.85 13.88 31.75
N GLN C 159 -15.53 12.61 31.49
CA GLN C 159 -16.27 11.53 32.14
C GLN C 159 -16.12 11.62 33.66
N VAL C 160 -14.91 11.91 34.13
CA VAL C 160 -14.69 12.03 35.58
C VAL C 160 -15.50 13.19 36.13
N LYS C 161 -15.55 14.31 35.39
CA LYS C 161 -16.35 15.45 35.84
C LYS C 161 -17.83 15.09 35.90
N GLN C 162 -18.34 14.44 34.86
CA GLN C 162 -19.73 13.99 34.88
C GLN C 162 -20.00 13.05 36.05
N GLN C 163 -19.08 12.12 36.32
CA GLN C 163 -19.28 11.21 37.43
C GLN C 163 -19.35 11.96 38.75
N GLU C 164 -18.46 12.94 38.95
CA GLU C 164 -18.45 13.72 40.17
C GLU C 164 -19.76 14.49 40.35
N GLU D 4 -15.02 32.73 0.90
CA GLU D 4 -15.93 31.86 0.15
C GLU D 4 -16.16 30.55 0.89
N GLN D 5 -17.01 29.70 0.32
CA GLN D 5 -17.46 28.48 0.96
C GLN D 5 -17.58 27.45 -0.16
N GLU D 6 -16.69 26.46 -0.15
CA GLU D 6 -16.46 25.57 -1.30
C GLU D 6 -16.93 24.15 -1.06
N ILE D 7 -16.96 23.39 -2.16
CA ILE D 7 -17.34 21.99 -2.19
C ILE D 7 -16.14 21.15 -2.62
N VAL D 8 -15.83 20.11 -1.84
CA VAL D 8 -14.75 19.19 -2.15
C VAL D 8 -15.27 17.76 -2.12
N ASN D 9 -14.97 16.98 -3.14
CA ASN D 9 -15.31 15.56 -3.19
C ASN D 9 -14.10 14.72 -2.79
N LEU D 10 -14.21 14.02 -1.67
CA LEU D 10 -13.15 13.16 -1.15
C LEU D 10 -13.58 11.70 -1.28
N PHE D 11 -12.74 10.90 -1.94
CA PHE D 11 -13.05 9.50 -2.18
C PHE D 11 -12.41 8.63 -1.11
N ILE D 12 -13.19 7.71 -0.57
CA ILE D 12 -12.71 6.81 0.49
C ILE D 12 -13.01 5.38 0.06
N PRO D 13 -12.31 4.40 0.66
CA PRO D 13 -12.65 2.99 0.38
C PRO D 13 -14.09 2.68 0.74
N THR D 14 -14.74 1.90 -0.12
CA THR D 14 -16.15 1.58 0.11
C THR D 14 -16.35 0.85 1.43
N GLN D 15 -15.41 0.00 1.82
CA GLN D 15 -15.55 -0.76 3.06
C GLN D 15 -15.53 0.13 4.30
N ALA D 16 -15.10 1.38 4.17
CA ALA D 16 -14.96 2.29 5.30
C ALA D 16 -16.17 3.18 5.51
N VAL D 17 -17.19 3.07 4.66
CA VAL D 17 -18.36 3.94 4.76
C VAL D 17 -19.02 3.76 6.12
N GLY D 18 -19.21 2.52 6.56
CA GLY D 18 -19.87 2.28 7.83
C GLY D 18 -19.16 2.94 9.00
N ALA D 19 -17.83 2.89 9.01
CA ALA D 19 -17.08 3.49 10.10
C ALA D 19 -17.18 5.02 10.06
N ILE D 20 -17.12 5.61 8.86
CA ILE D 20 -17.23 7.06 8.75
C ILE D 20 -18.60 7.52 9.19
N ILE D 21 -19.65 6.79 8.80
CA ILE D 21 -21.00 7.15 9.21
C ILE D 21 -21.20 6.90 10.70
N GLY D 22 -20.86 5.70 11.15
CA GLY D 22 -21.02 5.32 12.54
C GLY D 22 -22.42 4.81 12.87
N LYS D 23 -22.53 4.20 14.06
CA LYS D 23 -23.82 3.72 14.53
C LYS D 23 -24.81 4.87 14.62
N LYS D 24 -25.94 4.75 13.93
CA LYS D 24 -26.95 5.80 13.92
C LYS D 24 -26.40 7.10 13.34
N GLY D 25 -25.38 7.01 12.50
CA GLY D 25 -24.81 8.21 11.92
C GLY D 25 -24.17 9.12 12.94
N ALA D 26 -23.85 8.61 14.13
CA ALA D 26 -23.34 9.47 15.18
C ALA D 26 -21.98 10.04 14.84
N HIS D 27 -21.16 9.29 14.09
CA HIS D 27 -19.81 9.76 13.81
C HIS D 27 -19.82 10.90 12.80
N ILE D 28 -20.50 10.71 11.66
CA ILE D 28 -20.54 11.75 10.64
C ILE D 28 -21.24 13.00 11.17
N LYS D 29 -22.23 12.82 12.05
CA LYS D 29 -22.86 13.97 12.69
C LYS D 29 -21.87 14.71 13.57
N GLN D 30 -21.07 13.98 14.35
CA GLN D 30 -20.02 14.60 15.14
C GLN D 30 -19.02 15.33 14.26
N LEU D 31 -18.61 14.68 13.16
CA LEU D 31 -17.62 15.28 12.29
C LEU D 31 -18.13 16.59 11.68
N ALA D 32 -19.39 16.61 11.25
CA ALA D 32 -19.95 17.79 10.62
C ALA D 32 -20.01 18.96 11.60
N ARG D 33 -20.36 18.69 12.86
CA ARG D 33 -20.41 19.75 13.85
C ARG D 33 -19.01 20.19 14.26
N PHE D 34 -18.09 19.24 14.40
CA PHE D 34 -16.72 19.58 14.74
C PHE D 34 -16.11 20.46 13.66
N ALA D 35 -16.31 20.10 12.38
CA ALA D 35 -15.70 20.83 11.28
C ALA D 35 -16.48 22.07 10.88
N GLY D 36 -17.75 22.17 11.28
CA GLY D 36 -18.58 23.26 10.78
C GLY D 36 -18.82 23.15 9.29
N ALA D 37 -18.94 21.93 8.78
CA ALA D 37 -19.12 21.69 7.36
C ALA D 37 -20.23 20.68 7.14
N SER D 38 -20.80 20.71 5.94
CA SER D 38 -21.72 19.67 5.51
C SER D 38 -20.92 18.49 4.97
N ILE D 39 -21.23 17.29 5.44
CA ILE D 39 -20.52 16.08 5.06
C ILE D 39 -21.55 15.05 4.63
N LYS D 40 -21.62 14.77 3.33
CA LYS D 40 -22.56 13.80 2.80
C LYS D 40 -21.82 12.75 2.00
N ILE D 41 -22.30 11.52 2.07
CA ILE D 41 -21.79 10.42 1.25
C ILE D 41 -22.69 10.29 0.04
N ALA D 42 -22.13 10.54 -1.14
CA ALA D 42 -22.91 10.51 -2.37
C ALA D 42 -23.33 9.07 -2.69
N PRO D 43 -24.47 8.89 -3.35
CA PRO D 43 -24.86 7.53 -3.74
C PRO D 43 -23.81 6.93 -4.67
N ALA D 44 -23.70 5.62 -4.63
CA ALA D 44 -22.67 4.94 -5.41
C ALA D 44 -22.94 5.07 -6.90
N GLU D 45 -21.87 5.31 -7.67
CA GLU D 45 -21.97 5.36 -9.11
C GLU D 45 -22.35 4.01 -9.71
N GLY D 46 -22.16 2.93 -8.94
CA GLY D 46 -22.47 1.60 -9.41
C GLY D 46 -22.59 0.63 -8.26
N PRO D 47 -22.90 -0.64 -8.57
CA PRO D 47 -23.12 -1.61 -7.50
C PRO D 47 -21.86 -2.29 -6.95
N ASP D 48 -20.72 -2.14 -7.62
CA ASP D 48 -19.50 -2.82 -7.20
C ASP D 48 -18.30 -1.88 -7.19
N VAL D 49 -18.53 -0.58 -6.99
CA VAL D 49 -17.43 0.38 -6.98
C VAL D 49 -16.55 0.17 -5.75
N SER D 50 -15.24 0.37 -5.93
CA SER D 50 -14.28 0.18 -4.85
C SER D 50 -14.18 1.39 -3.92
N GLU D 51 -14.50 2.58 -4.41
CA GLU D 51 -14.49 3.78 -3.59
C GLU D 51 -15.89 4.39 -3.54
N ARG D 52 -16.12 5.19 -2.51
CA ARG D 52 -17.32 5.99 -2.36
C ARG D 52 -16.92 7.45 -2.20
N MET D 53 -17.81 8.35 -2.59
CA MET D 53 -17.49 9.78 -2.66
C MET D 53 -18.14 10.51 -1.49
N VAL D 54 -17.33 11.24 -0.74
CA VAL D 54 -17.81 12.09 0.34
C VAL D 54 -17.82 13.53 -0.17
N ILE D 55 -18.96 14.19 -0.04
CA ILE D 55 -19.12 15.57 -0.46
C ILE D 55 -19.00 16.45 0.77
N ILE D 56 -17.97 17.29 0.79
CA ILE D 56 -17.66 18.16 1.93
C ILE D 56 -17.87 19.59 1.47
N THR D 57 -18.76 20.30 2.16
CA THR D 57 -19.13 21.67 1.80
C THR D 57 -18.83 22.58 2.98
N GLY D 58 -17.99 23.58 2.75
CA GLY D 58 -17.60 24.52 3.77
C GLY D 58 -16.34 25.29 3.41
N PRO D 59 -16.02 26.31 4.21
CA PRO D 59 -14.84 27.13 3.91
C PRO D 59 -13.54 26.38 4.17
N PRO D 60 -12.40 26.97 3.80
CA PRO D 60 -11.12 26.24 3.95
C PRO D 60 -10.86 25.72 5.34
N GLU D 61 -11.10 26.53 6.39
CA GLU D 61 -10.87 26.07 7.74
C GLU D 61 -11.76 24.87 8.07
N ALA D 62 -12.99 24.86 7.55
CA ALA D 62 -13.87 23.71 7.74
C ALA D 62 -13.40 22.51 6.94
N GLN D 63 -12.90 22.75 5.71
CA GLN D 63 -12.37 21.66 4.90
C GLN D 63 -11.21 20.97 5.59
N PHE D 64 -10.32 21.74 6.22
CA PHE D 64 -9.19 21.15 6.93
C PHE D 64 -9.66 20.18 8.01
N LYS D 65 -10.66 20.57 8.78
CA LYS D 65 -11.14 19.73 9.88
C LYS D 65 -11.91 18.52 9.35
N ALA D 66 -12.79 18.74 8.37
CA ALA D 66 -13.60 17.64 7.85
C ALA D 66 -12.73 16.60 7.17
N GLN D 67 -11.90 17.03 6.22
CA GLN D 67 -11.00 16.10 5.54
C GLN D 67 -10.02 15.46 6.52
N GLY D 68 -9.51 16.25 7.47
CA GLY D 68 -8.56 15.72 8.43
C GLY D 68 -9.15 14.63 9.30
N ARG D 69 -10.36 14.84 9.80
CA ARG D 69 -10.98 13.83 10.67
C ARG D 69 -11.32 12.57 9.88
N ILE D 70 -11.59 12.69 8.58
CA ILE D 70 -11.82 11.51 7.76
C ILE D 70 -10.51 10.76 7.53
N PHE D 71 -9.46 11.49 7.15
CA PHE D 71 -8.13 10.89 7.08
C PHE D 71 -7.77 10.18 8.40
N GLY D 72 -7.99 10.87 9.52
CA GLY D 72 -7.63 10.31 10.80
C GLY D 72 -8.46 9.09 11.16
N LYS D 73 -9.76 9.14 10.87
CA LYS D 73 -10.62 8.00 11.18
C LYS D 73 -10.21 6.77 10.39
N LEU D 74 -9.88 6.94 9.11
CA LEU D 74 -9.43 5.81 8.31
C LEU D 74 -8.16 5.20 8.90
N LYS D 75 -7.29 6.02 9.49
CA LYS D 75 -6.08 5.49 10.12
C LYS D 75 -6.42 4.69 11.36
N GLU D 76 -7.32 5.20 12.20
CA GLU D 76 -7.69 4.45 13.40
C GLU D 76 -8.24 3.09 13.04
N GLU D 77 -8.95 3.00 11.91
CA GLU D 77 -9.55 1.75 11.48
C GLU D 77 -8.62 0.92 10.59
N ASN D 78 -7.39 1.39 10.38
CA ASN D 78 -6.34 0.61 9.71
C ASN D 78 -6.69 0.31 8.25
N PHE D 79 -7.16 1.34 7.55
CA PHE D 79 -7.40 1.24 6.10
C PHE D 79 -6.18 1.77 5.35
N PHE D 80 -5.08 1.03 5.43
CA PHE D 80 -3.84 1.46 4.82
C PHE D 80 -3.36 0.50 3.74
N ASN D 81 -2.37 0.99 2.98
CA ASN D 81 -1.63 0.29 1.94
C ASN D 81 -0.54 -0.54 2.60
N PRO D 82 0.33 -1.21 1.83
CA PRO D 82 1.41 -1.97 2.47
C PRO D 82 2.30 -1.13 3.39
N LYS D 83 2.10 0.18 3.46
CA LYS D 83 2.78 1.08 4.37
C LYS D 83 1.78 1.61 5.40
N GLU D 84 2.19 2.60 6.20
CA GLU D 84 1.38 3.05 7.33
C GLU D 84 0.41 4.20 7.09
N GLU D 85 0.49 4.96 6.01
CA GLU D 85 -0.40 6.10 5.91
C GLU D 85 -1.51 5.96 4.87
N VAL D 86 -2.56 6.75 5.08
CA VAL D 86 -3.74 6.81 4.23
C VAL D 86 -3.50 7.78 3.06
N LYS D 87 -3.73 7.30 1.84
CA LYS D 87 -3.57 8.11 0.64
C LYS D 87 -4.92 8.18 -0.07
N LEU D 88 -5.44 9.40 -0.26
CA LEU D 88 -6.77 9.58 -0.83
C LEU D 88 -6.76 10.54 -2.00
N GLU D 89 -7.71 10.35 -2.92
CA GLU D 89 -7.94 11.26 -4.04
C GLU D 89 -9.10 12.19 -3.73
N ALA D 90 -8.93 13.47 -4.04
CA ALA D 90 -9.96 14.48 -3.89
C ALA D 90 -10.15 15.23 -5.19
N HIS D 91 -11.39 15.67 -5.44
CA HIS D 91 -11.71 16.50 -6.59
C HIS D 91 -12.13 17.88 -6.10
N ILE D 92 -11.50 18.91 -6.65
CA ILE D 92 -11.90 20.29 -6.41
C ILE D 92 -12.32 20.90 -7.75
N ARG D 93 -13.14 21.92 -7.68
CA ARG D 93 -13.63 22.63 -8.86
C ARG D 93 -12.96 24.00 -8.93
N VAL D 94 -12.44 24.32 -10.11
CA VAL D 94 -11.80 25.62 -10.36
C VAL D 94 -12.40 26.22 -11.62
N PRO D 95 -12.43 27.54 -11.76
CA PRO D 95 -12.97 28.14 -12.98
C PRO D 95 -12.26 27.61 -14.22
N SER D 96 -13.04 27.39 -15.27
CA SER D 96 -12.48 26.88 -16.53
C SER D 96 -11.39 27.80 -17.07
N SER D 97 -11.51 29.12 -16.85
CA SER D 97 -10.53 30.06 -17.38
C SER D 97 -9.23 30.06 -16.59
N THR D 98 -9.25 29.57 -15.35
CA THR D 98 -8.05 29.54 -14.52
C THR D 98 -7.34 28.19 -14.54
N ALA D 99 -7.93 27.18 -15.19
CA ALA D 99 -7.34 25.85 -15.16
C ALA D 99 -6.01 25.81 -15.89
N GLY D 100 -5.92 26.49 -17.03
CA GLY D 100 -4.65 26.54 -17.75
C GLY D 100 -3.53 27.15 -16.93
N ARG D 101 -3.86 28.06 -16.03
CA ARG D 101 -2.85 28.66 -15.17
C ARG D 101 -2.44 27.71 -14.05
N VAL D 102 -3.35 26.86 -13.58
CA VAL D 102 -2.97 25.81 -12.64
C VAL D 102 -1.97 24.87 -13.29
N ILE D 103 -2.17 24.57 -14.57
CA ILE D 103 -1.21 23.75 -15.30
C ILE D 103 0.09 24.51 -15.53
N GLY D 104 -0.03 25.75 -15.99
CA GLY D 104 1.13 26.57 -16.26
C GLY D 104 1.75 26.30 -17.62
N LYS D 105 2.57 27.25 -18.06
CA LYS D 105 3.22 27.12 -19.36
C LYS D 105 4.14 25.91 -19.38
N GLY D 106 3.98 25.07 -20.39
CA GLY D 106 4.78 23.86 -20.48
C GLY D 106 4.57 22.90 -19.33
N GLY D 107 3.47 23.05 -18.58
CA GLY D 107 3.28 22.23 -17.41
C GLY D 107 4.18 22.58 -16.25
N LYS D 108 4.70 23.81 -16.20
CA LYS D 108 5.68 24.13 -15.16
C LYS D 108 5.01 24.28 -13.80
N THR D 109 3.80 24.83 -13.75
CA THR D 109 3.12 24.99 -12.47
C THR D 109 2.66 23.64 -11.93
N VAL D 110 2.13 22.77 -12.80
CA VAL D 110 1.72 21.44 -12.36
C VAL D 110 2.91 20.67 -11.82
N ASN D 111 4.10 20.90 -12.37
CA ASN D 111 5.30 20.25 -11.84
C ASN D 111 5.72 20.85 -10.51
N GLU D 112 5.71 22.19 -10.41
CA GLU D 112 6.12 22.85 -9.18
C GLU D 112 5.24 22.41 -8.01
N LEU D 113 3.93 22.35 -8.22
CA LEU D 113 3.02 22.02 -7.13
C LEU D 113 3.28 20.61 -6.61
N GLN D 114 3.44 19.64 -7.52
CA GLN D 114 3.71 18.27 -7.09
C GLN D 114 5.08 18.18 -6.42
N ASN D 115 6.09 18.83 -7.00
CA ASN D 115 7.42 18.83 -6.40
C ASN D 115 7.46 19.57 -5.08
N LEU D 116 6.52 20.49 -4.84
CA LEU D 116 6.52 21.28 -3.63
C LEU D 116 5.67 20.66 -2.52
N THR D 117 4.50 20.13 -2.88
CA THR D 117 3.57 19.61 -1.88
C THR D 117 3.71 18.13 -1.62
N SER D 118 4.30 17.37 -2.55
CA SER D 118 4.39 15.92 -2.55
C SER D 118 3.06 15.27 -2.92
N ALA D 119 2.00 16.05 -3.10
CA ALA D 119 0.76 15.51 -3.62
C ALA D 119 0.83 15.41 -5.15
N GLU D 120 0.10 14.44 -5.70
CA GLU D 120 -0.03 14.30 -7.14
C GLU D 120 -1.21 15.15 -7.60
N VAL D 121 -0.96 16.04 -8.55
CA VAL D 121 -1.97 16.98 -9.03
C VAL D 121 -2.16 16.77 -10.52
N ILE D 122 -3.38 16.44 -10.92
CA ILE D 122 -3.70 16.10 -12.30
C ILE D 122 -4.90 16.92 -12.72
N VAL D 123 -4.78 17.62 -13.85
CA VAL D 123 -5.91 18.34 -14.44
C VAL D 123 -6.39 17.56 -15.66
N PRO D 124 -7.48 16.79 -15.56
CA PRO D 124 -7.91 15.99 -16.72
C PRO D 124 -8.09 16.85 -17.95
N ARG D 125 -7.72 16.29 -19.11
CA ARG D 125 -7.74 17.02 -20.37
C ARG D 125 -9.12 16.96 -21.00
N ASP D 126 -9.38 17.92 -21.89
CA ASP D 126 -10.59 17.96 -22.70
C ASP D 126 -11.84 17.80 -21.84
N GLN D 127 -11.93 18.62 -20.80
CA GLN D 127 -13.08 18.61 -19.91
C GLN D 127 -14.16 19.55 -20.43
N THR D 128 -15.41 19.20 -20.14
CA THR D 128 -16.54 20.08 -20.42
C THR D 128 -16.87 20.82 -19.14
N PRO D 129 -16.70 22.15 -19.08
CA PRO D 129 -17.05 22.87 -17.86
C PRO D 129 -18.48 22.59 -17.44
N ASP D 130 -18.72 22.58 -16.13
CA ASP D 130 -20.04 22.28 -15.58
C ASP D 130 -20.90 23.53 -15.64
N GLU D 131 -22.10 23.46 -15.06
CA GLU D 131 -23.03 24.57 -15.13
C GLU D 131 -22.46 25.85 -14.52
N ASN D 132 -21.45 25.73 -13.66
CA ASN D 132 -20.76 26.89 -13.11
C ASN D 132 -19.49 27.24 -13.87
N GLU D 133 -19.30 26.65 -15.06
CA GLU D 133 -18.10 26.90 -15.88
C GLU D 133 -16.83 26.54 -15.11
N GLU D 134 -16.89 25.43 -14.37
CA GLU D 134 -15.76 24.95 -13.60
C GLU D 134 -15.36 23.56 -14.07
N VAL D 135 -14.07 23.26 -13.93
CA VAL D 135 -13.52 21.95 -14.25
C VAL D 135 -12.90 21.38 -12.97
N ILE D 136 -12.57 20.10 -13.02
CA ILE D 136 -12.07 19.41 -11.84
C ILE D 136 -10.55 19.41 -11.86
N VAL D 137 -9.95 19.47 -10.68
CA VAL D 137 -8.55 19.18 -10.48
C VAL D 137 -8.47 18.00 -9.52
N ARG D 138 -7.70 16.98 -9.88
CA ARG D 138 -7.51 15.81 -9.03
C ARG D 138 -6.29 16.02 -8.16
N ILE D 139 -6.43 15.71 -6.87
CA ILE D 139 -5.35 15.84 -5.89
C ILE D 139 -5.27 14.53 -5.13
N ILE D 140 -4.13 13.85 -5.24
CA ILE D 140 -3.93 12.54 -4.64
C ILE D 140 -2.71 12.62 -3.73
N GLY D 141 -2.87 12.18 -2.49
CA GLY D 141 -1.76 12.15 -1.56
C GLY D 141 -2.27 11.97 -0.13
N HIS D 142 -1.31 12.05 0.80
CA HIS D 142 -1.64 12.02 2.22
C HIS D 142 -2.28 13.34 2.63
N PHE D 143 -2.70 13.41 3.89
CA PHE D 143 -3.51 14.54 4.35
C PHE D 143 -2.79 15.87 4.12
N PHE D 144 -1.61 16.04 4.71
CA PHE D 144 -0.91 17.32 4.64
C PHE D 144 -0.53 17.65 3.20
N ALA D 145 -0.11 16.66 2.42
CA ALA D 145 0.18 16.92 1.01
C ALA D 145 -1.05 17.42 0.28
N SER D 146 -2.20 16.78 0.52
CA SER D 146 -3.44 17.20 -0.13
C SER D 146 -3.87 18.59 0.33
N GLN D 147 -3.76 18.87 1.63
CA GLN D 147 -4.16 20.18 2.14
C GLN D 147 -3.31 21.28 1.53
N THR D 148 -2.00 21.05 1.43
CA THR D 148 -1.11 22.06 0.86
C THR D 148 -1.43 22.29 -0.61
N ALA D 149 -1.58 21.20 -1.37
CA ALA D 149 -1.92 21.34 -2.80
C ALA D 149 -3.23 22.10 -2.97
N GLN D 150 -4.27 21.71 -2.22
CA GLN D 150 -5.53 22.43 -2.30
C GLN D 150 -5.35 23.92 -1.99
N ARG D 151 -4.58 24.22 -0.93
CA ARG D 151 -4.39 25.61 -0.55
C ARG D 151 -3.73 26.41 -1.67
N LYS D 152 -2.72 25.82 -2.32
CA LYS D 152 -2.00 26.55 -3.37
C LYS D 152 -2.83 26.70 -4.63
N ILE D 153 -3.60 25.67 -4.98
CA ILE D 153 -4.46 25.77 -6.16
C ILE D 153 -5.52 26.84 -5.94
N ARG D 154 -6.09 26.89 -4.73
CA ARG D 154 -7.03 27.95 -4.40
C ARG D 154 -6.40 29.33 -4.56
N GLU D 155 -5.12 29.47 -4.16
CA GLU D 155 -4.44 30.75 -4.33
C GLU D 155 -4.32 31.11 -5.81
N ILE D 156 -3.81 30.18 -6.62
CA ILE D 156 -3.70 30.43 -8.05
C ILE D 156 -5.03 30.91 -8.61
N VAL D 157 -6.12 30.23 -8.23
CA VAL D 157 -7.45 30.67 -8.64
C VAL D 157 -7.71 32.09 -8.14
N GLN D 158 -7.28 32.38 -6.92
CA GLN D 158 -7.53 33.68 -6.31
C GLN D 158 -6.65 34.77 -6.91
N GLN D 159 -5.39 34.46 -7.23
CA GLN D 159 -4.52 35.43 -7.87
C GLN D 159 -5.06 35.85 -9.24
N VAL D 160 -5.58 34.88 -10.00
CA VAL D 160 -6.07 35.17 -11.35
C VAL D 160 -7.19 36.18 -11.32
N LYS D 161 -8.08 36.08 -10.32
CA LYS D 161 -9.15 37.06 -10.18
C LYS D 161 -8.53 38.43 -9.93
N GLN D 162 -8.66 39.34 -10.89
CA GLN D 162 -8.18 40.71 -10.74
C GLN D 162 -6.66 40.74 -10.91
C1 GOL E . 20.44 -18.66 -5.90
O1 GOL E . 21.29 -18.62 -4.78
C2 GOL E . 20.12 -20.15 -6.18
O2 GOL E . 19.95 -20.38 -7.54
C3 GOL E . 21.28 -20.97 -5.58
O3 GOL E . 21.21 -22.26 -6.14
H11 GOL E . 20.85 -18.27 -6.68
H12 GOL E . 19.62 -18.17 -5.76
HO1 GOL E . 20.92 -18.10 -4.22
H2 GOL E . 19.28 -20.39 -5.76
HO2 GOL E . 19.28 -19.93 -7.80
H31 GOL E . 21.19 -20.96 -4.61
H32 GOL E . 22.11 -20.51 -5.76
HO3 GOL E . 21.00 -22.16 -6.95
C1 GOL F . 17.46 -2.03 -14.92
O1 GOL F . 18.85 -2.03 -14.78
C2 GOL F . 17.06 -3.48 -15.27
O2 GOL F . 15.76 -3.53 -15.78
C3 GOL F . 17.15 -4.29 -13.95
O3 GOL F . 18.36 -5.00 -13.97
H11 GOL F . 17.16 -1.44 -15.62
H12 GOL F . 17.00 -1.75 -14.12
HO1 GOL F . 19.17 -1.73 -15.51
H2 GOL F . 17.66 -3.84 -15.93
HO2 GOL F . 15.60 -4.35 -16.00
H31 GOL F . 16.37 -4.86 -13.87
H32 GOL F . 17.09 -3.67 -13.20
HO3 GOL F . 18.44 -5.37 -13.21
C1 GOL G . 9.54 -0.31 -2.70
O1 GOL G . 8.34 -1.01 -2.89
C2 GOL G . 10.17 -0.08 -4.10
O2 GOL G . 9.88 1.18 -4.60
C3 GOL G . 11.68 -0.30 -3.91
O3 GOL G . 12.06 0.40 -2.76
H11 GOL G . 10.17 -0.79 -2.15
H12 GOL G . 9.41 0.55 -2.27
HO1 GOL G . 7.84 -0.79 -2.24
H2 GOL G . 9.79 -0.71 -4.73
HO2 GOL G . 10.52 1.40 -5.12
H31 GOL G . 12.13 -0.01 -4.72
H32 GOL G . 11.85 -1.25 -3.85
HO3 GOL G . 12.89 0.57 -2.86
C1 GOL H . 19.69 -18.83 6.91
O1 GOL H . 18.95 -18.63 8.09
C2 GOL H . 19.85 -17.45 6.25
O2 GOL H . 20.33 -16.49 7.15
C3 GOL H . 20.82 -17.68 5.09
O3 GOL H . 20.05 -17.95 3.95
H11 GOL H . 19.24 -19.44 6.30
H12 GOL H . 20.56 -19.21 7.08
HO1 GOL H . 19.06 -17.82 8.31
H2 GOL H . 19.00 -17.11 5.94
HO2 GOL H . 20.28 -15.74 6.77
H31 GOL H . 21.43 -18.41 5.33
H32 GOL H . 21.39 -16.90 5.00
HO3 GOL H . 19.69 -17.21 3.73
C1 GOL I . 1.28 -16.92 1.03
O1 GOL I . 0.29 -17.86 1.32
C2 GOL I . 1.99 -17.38 -0.27
O2 GOL I . 3.06 -16.56 -0.58
C3 GOL I . 0.90 -17.35 -1.35
O3 GOL I . 1.26 -16.38 -2.28
H11 GOL I . 1.94 -16.84 1.74
H12 GOL I . 0.92 -16.03 0.90
HO1 GOL I . -0.43 -17.42 1.46
H2 GOL I . 2.34 -18.27 -0.16
HO2 GOL I . 2.90 -16.19 -1.32
H31 GOL I . 0.04 -17.18 -0.93
H32 GOL I . 0.81 -18.24 -1.74
HO3 GOL I . 1.08 -15.62 -1.93
C1 GOL J . 11.22 -21.22 -12.30
O1 GOL J . 9.95 -21.25 -11.73
C2 GOL J . 12.20 -21.78 -11.29
O2 GOL J . 11.79 -23.00 -10.79
C3 GOL J . 13.52 -21.86 -12.08
O3 GOL J . 14.30 -20.79 -11.67
H11 GOL J . 11.50 -20.33 -12.55
H12 GOL J . 11.27 -21.75 -13.12
HO1 GOL J . 10.00 -20.79 -11.01
H2 GOL J . 12.28 -21.21 -10.51
HO2 GOL J . 11.66 -23.53 -11.45
H31 GOL J . 13.31 -21.85 -13.03
H32 GOL J . 13.93 -22.73 -11.92
HO3 GOL J . 13.84 -20.08 -11.81
C1 PEG K . 10.24 -6.41 -17.94
O1 PEG K . 10.47 -7.10 -19.14
C2 PEG K . 9.12 -5.39 -18.13
O2 PEG K . 8.47 -5.21 -16.90
C3 PEG K . 7.11 -4.84 -16.97
C4 PEG K . 6.30 -5.72 -16.01
O4 PEG K . 6.10 -5.04 -14.80
H11 PEG K . 11.05 -5.95 -17.67
H12 PEG K . 9.98 -7.04 -17.25
HO1 PEG K . 10.66 -7.91 -18.97
H21 PEG K . 9.49 -4.54 -18.42
H22 PEG K . 8.49 -5.70 -18.79
H31 PEG K . 7.02 -3.91 -16.72
H32 PEG K . 6.79 -4.97 -17.87
H41 PEG K . 5.44 -5.93 -16.41
H42 PEG K . 6.79 -6.54 -15.83
HO4 PEG K . 5.68 -5.56 -14.26
S SO4 L . -0.52 -32.61 15.44
O1 SO4 L . -1.20 -33.00 16.68
O2 SO4 L . 0.32 -31.45 15.71
O3 SO4 L . -1.51 -32.28 14.43
O4 SO4 L . 0.30 -33.72 14.97
S SO4 M . 15.40 -12.78 10.11
O1 SO4 M . 14.76 -12.45 11.38
O2 SO4 M . 15.96 -11.57 9.51
O3 SO4 M . 14.41 -13.37 9.20
O4 SO4 M . 16.47 -13.75 10.34
C1 GOL N . -6.55 -17.76 -30.21
O1 GOL N . -7.09 -16.48 -30.04
C2 GOL N . -7.72 -18.72 -30.47
O2 GOL N . -8.69 -18.17 -31.31
C3 GOL N . -7.09 -19.98 -31.10
O3 GOL N . -6.04 -20.37 -30.27
H11 GOL N . -6.06 -18.07 -29.44
H12 GOL N . -5.93 -17.81 -30.96
HO1 GOL N . -7.88 -16.60 -29.74
H2 GOL N . -8.19 -18.94 -29.64
HO2 GOL N . -9.30 -18.73 -31.42
H31 GOL N . -6.80 -19.77 -32.00
H32 GOL N . -7.77 -20.67 -31.20
HO3 GOL N . -5.93 -21.20 -30.37
C1 GOL O . -14.63 -17.17 -12.52
O1 GOL O . -13.62 -16.80 -13.42
C2 GOL O . -15.06 -18.62 -12.85
O2 GOL O . -15.77 -19.18 -11.80
C3 GOL O . -13.77 -19.39 -13.16
O3 GOL O . -14.14 -20.72 -13.41
H11 GOL O . -15.40 -16.58 -12.58
H12 GOL O . -14.34 -17.12 -11.60
HO1 GOL O . -14.01 -16.51 -14.13
H2 GOL O . -15.65 -18.62 -13.63
HO2 GOL O . -15.49 -19.98 -11.69
H31 GOL O . -13.16 -19.30 -12.40
H32 GOL O . -13.31 -18.96 -13.90
HO3 GOL O . -13.72 -20.95 -14.12
C1 PEG P . 11.66 -20.01 -16.47
O1 PEG P . 12.62 -20.48 -17.39
C2 PEG P . 10.66 -21.13 -16.16
O2 PEG P . 10.17 -21.13 -14.86
C3 PEG P . 9.22 -22.14 -14.64
C4 PEG P . 9.85 -23.44 -14.12
O4 PEG P . 9.13 -24.54 -14.59
H11 PEG P . 11.20 -19.26 -16.85
H12 PEG P . 12.10 -19.74 -15.65
HO1 PEG P . 12.88 -19.85 -17.88
H21 PEG P . 9.92 -21.04 -16.78
H22 PEG P . 11.11 -21.98 -16.31
H31 PEG P . 8.76 -22.32 -15.47
H32 PEG P . 8.58 -21.83 -13.98
H41 PEG P . 10.76 -23.49 -14.44
H42 PEG P . 9.84 -23.44 -13.15
HO4 PEG P . 9.19 -25.18 -14.04
C1 GOL Q . 2.03 12.49 9.58
O1 GOL Q . 2.71 11.92 8.50
C2 GOL Q . 0.81 11.60 9.84
O2 GOL Q . 1.17 10.36 10.33
C3 GOL Q . -0.04 12.41 10.82
O3 GOL Q . -0.29 11.57 11.91
H11 GOL Q . 1.74 13.39 9.40
H12 GOL Q . 2.57 12.53 10.38
HO1 GOL Q . 2.86 11.11 8.70
H2 GOL Q . 0.32 11.41 9.03
HO2 GOL Q . 2.03 10.33 10.36
H31 GOL Q . -0.83 12.72 10.37
H32 GOL Q . 0.45 13.22 11.06
HO3 GOL Q . 0.27 10.95 11.87
C1 GOL R . 18.44 25.18 29.26
O1 GOL R . 17.74 26.00 30.15
C2 GOL R . 18.29 23.73 29.78
O2 GOL R . 17.33 23.63 30.76
C3 GOL R . 17.93 22.90 28.52
O3 GOL R . 18.94 23.13 27.58
H11 GOL R . 19.39 25.41 29.22
H12 GOL R . 18.11 25.24 28.36
HO1 GOL R . 17.33 25.48 30.69
H2 GOL R . 19.13 23.43 30.16
HO2 GOL R . 16.58 23.50 30.38
H31 GOL R . 17.05 23.19 28.21
H32 GOL R . 17.83 21.98 28.77
HO3 GOL R . 18.72 22.68 26.88
C1 GOL S . 10.67 19.25 27.33
O1 GOL S . 10.00 18.08 27.71
C2 GOL S . 11.27 18.99 25.92
O2 GOL S . 11.99 20.09 25.46
C3 GOL S . 10.06 18.68 25.03
O3 GOL S . 10.55 18.50 23.73
H11 GOL S . 11.38 19.50 27.94
H12 GOL S . 10.08 20.02 27.29
HO1 GOL S . 9.68 18.23 28.48
H2 GOL S . 11.89 18.25 25.95
HO2 GOL S . 11.85 20.16 24.62
H31 GOL S . 9.41 19.40 25.10
H32 GOL S . 9.60 17.90 25.38
HO3 GOL S . 9.88 18.31 23.24
C1 GOL T . 10.23 17.13 13.77
O1 GOL T . 10.77 18.39 13.48
C2 GOL T . 11.34 16.31 14.42
O2 GOL T . 11.80 16.89 15.60
C3 GOL T . 10.74 14.92 14.68
O3 GOL T . 10.23 14.45 13.46
H11 GOL T . 9.90 16.67 12.98
H12 GOL T . 9.46 17.18 14.38
HO1 GOL T . 11.38 18.27 12.90
H2 GOL T . 12.10 16.26 13.83
HO2 GOL T . 11.65 17.73 15.56
H31 GOL T . 10.06 15.00 15.37
H32 GOL T . 11.42 14.35 15.05
HO3 GOL T . 10.21 13.61 13.51
C1 GOL U . 12.22 11.30 16.21
O1 GOL U . 12.16 12.61 16.68
C2 GOL U . 12.78 10.42 17.33
O2 GOL U . 12.29 10.78 18.59
C3 GOL U . 14.31 10.58 17.26
O3 GOL U . 14.71 10.23 15.97
H11 GOL U . 12.78 11.21 15.42
H12 GOL U . 11.34 10.96 15.95
HO1 GOL U . 11.86 12.57 17.47
H2 GOL U . 12.52 9.50 17.19
HO2 GOL U . 12.54 10.19 19.14
H31 GOL U . 14.72 10.04 17.95
H32 GOL U . 14.53 11.50 17.49
HO3 GOL U . 15.56 10.29 15.94
C1 GOL V . -1.18 34.97 16.93
O1 GOL V . -1.98 34.76 18.08
C2 GOL V . -0.13 36.04 17.31
O2 GOL V . -0.38 37.26 16.68
C3 GOL V . 1.25 35.46 16.91
O3 GOL V . 2.20 35.99 17.80
H11 GOL V . -1.69 35.29 16.18
H12 GOL V . -0.73 34.17 16.63
HO1 GOL V . -2.70 34.41 17.80
H2 GOL V . -0.15 36.20 18.27
HO2 GOL V . 0.25 37.79 16.87
H31 GOL V . 1.42 35.68 15.98
H32 GOL V . 1.20 34.49 16.94
HO3 GOL V . 2.95 35.66 17.59
C1 GOL W . -9.50 2.12 35.79
O1 GOL W . -8.16 1.74 35.93
C2 GOL W . -9.72 3.42 36.60
O2 GOL W . -11.07 3.77 36.62
C3 GOL W . -9.17 3.14 38.00
O3 GOL W . -8.23 4.14 38.28
H11 GOL W . -10.12 1.44 36.11
H12 GOL W . -9.74 2.28 34.86
HO1 GOL W . -8.09 0.98 35.56
H2 GOL W . -9.23 4.15 36.19
HO2 GOL W . -11.27 4.08 35.86
H31 GOL W . -8.80 2.24 38.03
H32 GOL W . -9.92 3.12 38.63
HO3 GOL W . -8.63 4.72 38.75
C1 PEG X . -7.27 18.77 41.45
O1 PEG X . -8.22 18.78 40.44
C2 PEG X . -7.93 19.03 42.81
O2 PEG X . -7.40 18.13 43.75
C3 PEG X . -6.11 18.44 44.20
C4 PEG X . -5.41 17.16 44.65
O4 PEG X . -5.54 16.19 43.65
H11 PEG X . -6.82 17.91 41.48
H12 PEG X . -6.61 19.46 41.28
HO1 PEG X . -7.87 18.52 39.70
H21 PEG X . -8.88 18.90 42.73
H22 PEG X . -7.74 19.93 43.09
H31 PEG X . -6.16 19.06 44.94
H32 PEG X . -5.60 18.85 43.48
H41 PEG X . -4.47 17.34 44.81
H42 PEG X . -5.82 16.84 45.46
HO4 PEG X . -5.13 15.48 43.89
C1 PEG Y . -10.27 32.67 7.73
O1 PEG Y . -10.47 32.00 8.95
C2 PEG Y . -9.35 31.85 6.84
O2 PEG Y . -8.04 31.90 7.34
C3 PEG Y . -7.11 32.46 6.46
C4 PEG Y . -5.75 32.55 7.14
O4 PEG Y . -5.18 33.80 6.89
H11 PEG Y . -11.12 32.80 7.29
H12 PEG Y . -9.87 33.54 7.90
HO1 PEG Y . -11.08 32.39 9.38
H21 PEG Y . -9.36 32.21 5.94
H22 PEG Y . -9.65 30.93 6.82
H31 PEG Y . -7.04 31.91 5.67
H32 PEG Y . -7.41 33.35 6.21
H41 PEG Y . -5.17 31.85 6.79
H42 PEG Y . -5.86 32.43 8.10
HO4 PEG Y . -4.85 34.11 7.62
C1 PEG Z . -0.21 28.89 2.74
O1 PEG Z . 0.35 27.62 2.55
C2 PEG Z . 0.86 29.95 2.47
O2 PEG Z . 1.49 30.29 3.69
C3 PEG Z . 2.88 30.20 3.68
C4 PEG Z . 3.32 28.82 4.15
O4 PEG Z . 2.41 27.84 3.71
H11 PEG Z . -0.94 29.02 2.12
H12 PEG Z . -0.53 28.97 3.65
HO1 PEG Z . 0.52 27.50 1.73
H21 PEG Z . 0.45 30.74 2.09
H22 PEG Z . 1.52 29.59 1.86
H31 PEG Z . 3.25 30.87 4.27
H32 PEG Z . 3.21 30.35 2.78
H41 PEG Z . 4.20 28.62 3.81
H42 PEG Z . 3.35 28.80 5.12
HO4 PEG Z . 2.70 27.07 3.94
C1 PEG AA . 12.11 15.87 3.58
O1 PEG AA . 12.06 16.01 2.18
C2 PEG AA . 13.41 15.15 3.95
O2 PEG AA . 13.40 14.73 5.28
C3 PEG AA . 14.58 14.08 5.66
C4 PEG AA . 14.31 13.20 6.88
O4 PEG AA . 13.23 12.34 6.61
H11 PEG AA . 11.35 15.34 3.88
H12 PEG AA . 12.09 16.74 3.99
HO1 PEG AA . 11.90 16.82 1.98
H21 PEG AA . 14.16 15.76 3.82
H22 PEG AA . 13.52 14.37 3.37
H31 PEG AA . 14.90 13.53 4.92
H32 PEG AA . 15.26 14.75 5.88
H41 PEG AA . 15.11 12.67 7.07
H42 PEG AA . 14.10 13.76 7.64
HO4 PEG AA . 13.14 11.80 7.25
C1 PEG BA . 7.03 18.97 35.22
O1 PEG BA . 7.43 18.11 36.26
C2 PEG BA . 6.52 18.13 34.05
O2 PEG BA . 7.56 17.34 33.54
C3 PEG BA . 8.13 17.77 32.34
C4 PEG BA . 8.52 16.56 31.50
O4 PEG BA . 8.35 16.85 30.14
H11 PEG BA . 6.32 19.55 35.55
H12 PEG BA . 7.78 19.51 34.94
HO1 PEG BA . 7.53 18.56 36.98
H21 PEG BA . 5.80 17.56 34.34
H22 PEG BA . 6.21 18.73 33.35
H31 PEG BA . 8.92 18.31 32.53
H32 PEG BA . 7.49 18.31 31.85
H41 PEG BA . 7.96 15.81 31.74
H42 PEG BA . 9.45 16.34 31.67
HO4 PEG BA . 8.66 16.21 29.68
S SO4 CA . 8.61 8.53 14.12
O1 SO4 CA . 8.07 9.83 13.75
O2 SO4 CA . 7.78 7.93 15.16
O3 SO4 CA . 8.62 7.66 12.94
O4 SO4 CA . 9.97 8.70 14.63
S SO4 DA . 1.40 12.87 39.42
O1 SO4 DA . 2.34 13.73 40.13
O2 SO4 DA . 0.04 13.38 39.62
O3 SO4 DA . 1.72 12.84 38.00
O4 SO4 DA . 1.48 11.51 39.96
C1 GOL EA . -24.88 15.26 9.64
O1 GOL EA . -26.06 14.78 9.08
C2 GOL EA . -23.97 15.66 8.48
O2 GOL EA . -24.14 14.85 7.36
C3 GOL EA . -24.31 17.13 8.19
O3 GOL EA . -23.65 17.48 7.00
H11 GOL EA . -24.44 14.59 10.19
H12 GOL EA . -25.02 16.02 10.22
HO1 GOL EA . -25.87 14.55 8.28
H2 GOL EA . -23.03 15.56 8.72
HO2 GOL EA . -23.38 14.72 7.02
H31 GOL EA . -24.03 17.66 8.96
H32 GOL EA . -25.28 17.23 8.14
HO3 GOL EA . -24.13 18.09 6.64
C1 GOL FA . -11.30 9.04 19.52
O1 GOL FA . -12.36 9.92 19.73
C2 GOL FA . -11.18 8.79 18.00
O2 GOL FA . -10.40 9.75 17.37
C3 GOL FA . -12.64 8.80 17.47
O3 GOL FA . -12.64 8.07 16.28
H11 GOL FA . -11.42 8.19 19.97
H12 GOL FA . -10.45 9.40 19.84
HO1 GOL FA . -12.47 9.96 20.58
H2 GOL FA . -10.76 7.94 17.83
HO2 GOL FA . -10.30 9.52 16.56
H31 GOL FA . -12.93 9.72 17.37
H32 GOL FA . -13.22 8.44 18.16
HO3 GOL FA . -11.93 8.26 15.88
C1 GOL GA . -12.43 8.11 -8.13
O1 GOL GA . -12.78 7.91 -9.47
C2 GOL GA . -11.18 7.25 -7.85
O2 GOL GA . -10.43 7.78 -6.81
C3 GOL GA . -10.40 7.21 -9.17
O3 GOL GA . -11.09 6.33 -10.01
H11 GOL GA . -13.15 7.85 -7.51
H12 GOL GA . -12.24 9.04 -7.93
HO1 GOL GA . -13.27 7.21 -9.49
H2 GOL GA . -11.45 6.35 -7.57
HO2 GOL GA . -9.74 7.30 -6.71
H31 GOL GA . -9.49 6.94 -8.98
H32 GOL GA . -10.34 8.11 -9.52
HO3 GOL GA . -10.62 6.26 -10.71
C1 PEG HA . -25.85 3.40 -2.23
O1 PEG HA . -25.32 4.23 -3.23
C2 PEG HA . -26.20 4.26 -1.01
O2 PEG HA . -26.77 5.47 -1.43
C3 PEG HA . -27.21 6.28 -0.38
C4 PEG HA . -26.39 7.56 -0.33
O4 PEG HA . -26.67 8.25 0.85
H11 PEG HA . -26.65 2.97 -2.55
H12 PEG HA . -25.20 2.73 -1.97
HO1 PEG HA . -25.95 4.52 -3.72
H21 PEG HA . -25.39 4.44 -0.50
H22 PEG HA . -26.84 3.78 -0.45
H31 PEG HA . -27.12 5.80 0.47
H32 PEG HA . -28.15 6.51 -0.51
H41 PEG HA . -26.60 8.12 -1.10
H42 PEG HA . -25.44 7.34 -0.35
HO4 PEG HA . -26.26 9.00 0.85
C1 PEG IA . 3.90 17.16 3.04
O1 PEG IA . 3.15 18.33 3.18
C2 PEG IA . 2.99 15.94 3.15
O2 PEG IA . 3.69 14.79 2.78
C3 PEG IA . 2.92 13.62 2.77
C4 PEG IA . 2.60 13.24 4.21
O4 PEG IA . 1.40 13.87 4.57
H11 PEG IA . 4.34 17.16 2.17
H12 PEG IA . 4.58 17.13 3.73
HO1 PEG IA . 2.36 18.20 2.88
H21 PEG IA . 2.68 15.85 4.06
H22 PEG IA . 2.23 16.06 2.56
H31 PEG IA . 2.10 13.77 2.27
H32 PEG IA . 3.43 12.90 2.35
H41 PEG IA . 2.50 12.28 4.28
H42 PEG IA . 3.31 13.54 4.79
HO4 PEG IA . 1.36 13.95 5.42
C1 PEG JA . -18.29 19.32 -7.29
O1 PEG JA . -19.04 20.50 -7.41
C2 PEG JA . -18.25 18.61 -8.65
O2 PEG JA . -17.26 17.61 -8.65
C3 PEG JA . -17.56 16.55 -9.52
C4 PEG JA . -16.69 15.33 -9.24
O4 PEG JA . -17.00 14.35 -10.20
H11 PEG JA . -17.39 19.53 -7.01
H12 PEG JA . -18.71 18.73 -6.64
HO1 PEG JA . -19.86 20.31 -7.48
H21 PEG JA . -19.11 18.19 -8.82
H22 PEG JA . -18.04 19.26 -9.34
H31 PEG JA . -18.49 16.31 -9.41
H32 PEG JA . -17.40 16.85 -10.44
H41 PEG JA . -15.75 15.56 -9.31
H42 PEG JA . -16.88 14.99 -8.36
HO4 PEG JA . -17.11 13.60 -9.82
#